data_2E8D
#
_entry.id   2E8D
#
_entity_poly.entity_id   1
_entity_poly.type   'polypeptide(L)'
_entity_poly.pdbx_seq_one_letter_code
;SNFLNCYVSGFHPSDIEVDLLK
;
_entity_poly.pdbx_strand_id   A,B,C,D
#
# COMPACT_ATOMS: atom_id res chain seq x y z
N SER A 1 13.60 12.25 -2.98
CA SER A 1 14.50 11.25 -2.34
C SER A 1 13.87 10.69 -1.06
N ASN A 2 12.55 10.58 -1.06
CA ASN A 2 11.82 10.05 0.09
C ASN A 2 10.33 9.97 -0.20
N PHE A 3 9.83 8.75 -0.36
CA PHE A 3 8.42 8.54 -0.65
C PHE A 3 7.64 8.25 0.63
N LEU A 4 6.44 8.82 0.72
CA LEU A 4 5.59 8.63 1.90
C LEU A 4 4.16 8.27 1.48
N ASN A 5 3.96 7.02 1.09
CA ASN A 5 2.64 6.55 0.68
C ASN A 5 1.69 6.54 1.87
N CYS A 6 0.79 7.52 1.91
CA CYS A 6 -0.18 7.62 3.00
C CYS A 6 -1.61 7.47 2.49
N TYR A 7 -2.50 7.02 3.36
CA TYR A 7 -3.91 6.83 3.00
C TYR A 7 -4.70 6.28 4.19
N VAL A 8 -5.63 7.07 4.68
CA VAL A 8 -6.47 6.66 5.81
C VAL A 8 -7.95 6.81 5.48
N SER A 9 -8.57 5.70 5.07
CA SER A 9 -9.98 5.70 4.72
C SER A 9 -10.28 6.73 3.63
N GLY A 10 -11.49 6.66 3.07
CA GLY A 10 -11.87 7.59 2.03
C GLY A 10 -11.69 7.03 0.63
N PHE A 11 -10.94 7.75 -0.20
CA PHE A 11 -10.69 7.31 -1.57
C PHE A 11 -11.98 7.26 -2.38
N HIS A 12 -11.93 7.74 -3.61
CA HIS A 12 -13.09 7.75 -4.49
C HIS A 12 -13.19 6.45 -5.29
N PRO A 13 -14.41 6.05 -5.66
CA PRO A 13 -14.63 4.83 -6.44
C PRO A 13 -14.05 4.90 -7.84
N SER A 14 -12.84 4.36 -8.01
CA SER A 14 -12.18 4.38 -9.31
C SER A 14 -10.85 3.62 -9.26
N ASP A 15 -10.11 3.66 -10.36
CA ASP A 15 -8.83 2.97 -10.44
C ASP A 15 -7.67 3.97 -10.46
N ILE A 16 -7.20 4.34 -9.27
CA ILE A 16 -6.11 5.30 -9.15
C ILE A 16 -5.40 5.16 -7.80
N GLU A 17 -4.45 6.08 -7.56
CA GLU A 17 -3.68 6.10 -6.31
C GLU A 17 -2.43 6.96 -6.47
N VAL A 18 -1.39 6.40 -7.08
CA VAL A 18 -0.13 7.11 -7.30
C VAL A 18 0.97 6.13 -7.71
N ASP A 19 1.53 6.36 -8.90
CA ASP A 19 2.59 5.50 -9.41
C ASP A 19 3.69 6.31 -10.06
N LEU A 20 4.94 5.89 -9.86
CA LEU A 20 6.08 6.57 -10.44
C LEU A 20 7.25 5.60 -10.65
N LEU A 21 7.55 5.32 -11.91
CA LEU A 21 8.63 4.41 -12.25
C LEU A 21 9.95 5.17 -12.41
N LYS A 22 9.85 6.43 -12.81
CA LYS A 22 11.03 7.27 -13.02
C LYS A 22 11.89 6.73 -14.17
N SER B 1 14.82 4.15 -1.38
CA SER B 1 15.39 5.17 -0.46
C SER B 1 14.30 5.89 0.32
N ASN B 2 14.09 5.45 1.57
CA ASN B 2 13.07 6.05 2.42
C ASN B 2 11.68 5.88 1.81
N PHE B 3 10.92 4.93 2.35
CA PHE B 3 9.58 4.66 1.86
C PHE B 3 8.65 4.25 3.01
N LEU B 4 7.49 4.89 3.08
CA LEU B 4 6.52 4.60 4.13
C LEU B 4 5.13 4.36 3.54
N ASN B 5 4.62 3.15 3.73
CA ASN B 5 3.29 2.79 3.23
C ASN B 5 2.27 2.75 4.37
N CYS B 6 1.66 3.89 4.66
CA CYS B 6 0.67 3.98 5.72
C CYS B 6 -0.74 3.84 5.17
N TYR B 7 -1.37 2.71 5.45
CA TYR B 7 -2.73 2.44 4.99
C TYR B 7 -3.58 1.85 6.11
N VAL B 8 -4.73 2.46 6.37
CA VAL B 8 -5.62 2.00 7.42
C VAL B 8 -7.09 2.14 7.01
N SER B 9 -7.94 1.30 7.60
CA SER B 9 -9.37 1.32 7.32
C SER B 9 -9.66 0.71 5.95
N GLY B 10 -10.90 0.25 5.77
CA GLY B 10 -11.30 -0.35 4.51
C GLY B 10 -12.50 0.34 3.90
N PHE B 11 -13.09 -0.29 2.87
CA PHE B 11 -14.25 0.27 2.19
C PHE B 11 -14.73 -0.65 1.07
N HIS B 12 -15.73 -0.20 0.33
CA HIS B 12 -16.28 -0.98 -0.77
C HIS B 12 -15.21 -1.27 -1.82
N PRO B 13 -15.47 -2.22 -2.74
CA PRO B 13 -14.53 -2.58 -3.79
C PRO B 13 -14.01 -1.38 -4.56
N SER B 14 -12.83 -1.51 -5.15
CA SER B 14 -12.23 -0.44 -5.92
C SER B 14 -10.89 -0.87 -6.50
N ASP B 15 -10.23 0.04 -7.22
CA ASP B 15 -8.93 -0.26 -7.83
C ASP B 15 -7.83 0.64 -7.27
N ILE B 16 -7.10 0.13 -6.29
CA ILE B 16 -6.01 0.87 -5.68
C ILE B 16 -4.68 0.46 -6.29
N GLU B 17 -4.05 1.39 -7.02
CA GLU B 17 -2.77 1.11 -7.68
C GLU B 17 -1.63 1.94 -7.09
N VAL B 18 -0.74 1.29 -6.35
CA VAL B 18 0.39 1.96 -5.75
C VAL B 18 1.71 1.37 -6.25
N ASP B 19 2.56 2.23 -6.79
CA ASP B 19 3.86 1.79 -7.30
C ASP B 19 4.95 2.80 -6.98
N LEU B 20 5.98 2.35 -6.26
CA LEU B 20 7.09 3.21 -5.88
C LEU B 20 8.41 2.71 -6.46
N LEU B 21 8.98 3.48 -7.38
CA LEU B 21 10.24 3.11 -8.01
C LEU B 21 11.20 4.29 -8.05
N LYS B 22 11.95 4.49 -6.97
CA LYS B 22 12.90 5.58 -6.88
C LYS B 22 14.12 5.16 -6.06
N SER C 1 16.13 -0.58 1.15
CA SER C 1 16.46 0.85 1.40
C SER C 1 15.38 1.53 2.22
N ASN C 2 15.36 1.25 3.52
CA ASN C 2 14.37 1.84 4.42
C ASN C 2 12.95 1.46 3.99
N PHE C 3 12.62 0.18 4.12
CA PHE C 3 11.30 -0.31 3.75
C PHE C 3 10.36 -0.28 4.95
N LEU C 4 9.45 0.70 4.96
CA LEU C 4 8.49 0.84 6.06
C LEU C 4 7.06 0.64 5.56
N ASN C 5 6.51 -0.54 5.81
CA ASN C 5 5.15 -0.87 5.40
C ASN C 5 4.27 -1.11 6.62
N CYS C 6 3.27 -0.26 6.80
CA CYS C 6 2.36 -0.39 7.93
C CYS C 6 0.91 -0.40 7.47
N TYR C 7 0.16 -1.42 7.91
CA TYR C 7 -1.25 -1.55 7.54
C TYR C 7 -2.09 -1.91 8.75
N VAL C 8 -3.10 -1.09 9.04
CA VAL C 8 -3.98 -1.33 10.17
C VAL C 8 -5.41 -1.60 9.71
N SER C 9 -5.99 -2.69 10.24
CA SER C 9 -7.35 -3.07 9.89
C SER C 9 -7.42 -3.59 8.45
N GLY C 10 -8.10 -4.71 8.26
CA GLY C 10 -8.22 -5.29 6.95
C GLY C 10 -9.64 -5.25 6.42
N PHE C 11 -9.85 -5.81 5.23
CA PHE C 11 -11.17 -5.84 4.62
C PHE C 11 -11.32 -7.05 3.69
N HIS C 12 -12.54 -7.27 3.20
CA HIS C 12 -12.81 -8.40 2.31
C HIS C 12 -12.65 -7.98 0.85
N PRO C 13 -13.36 -6.92 0.41
CA PRO C 13 -13.29 -6.45 -0.96
C PRO C 13 -12.16 -5.46 -1.19
N SER C 14 -12.21 -4.75 -2.32
CA SER C 14 -11.19 -3.75 -2.66
C SER C 14 -9.93 -4.43 -3.19
N ASP C 15 -9.24 -3.73 -4.08
CA ASP C 15 -8.01 -4.25 -4.68
C ASP C 15 -6.84 -3.30 -4.43
N ILE C 16 -5.80 -3.80 -3.77
CA ILE C 16 -4.62 -2.99 -3.47
C ILE C 16 -3.34 -3.67 -3.95
N GLU C 17 -2.74 -3.10 -4.98
CA GLU C 17 -1.50 -3.64 -5.54
C GLU C 17 -0.31 -2.78 -5.15
N VAL C 18 0.34 -3.15 -4.06
CA VAL C 18 1.51 -2.41 -3.57
C VAL C 18 2.79 -2.98 -4.17
N ASP C 19 3.55 -2.12 -4.83
CA ASP C 19 4.81 -2.54 -5.45
C ASP C 19 5.92 -1.55 -5.14
N LEU C 20 7.01 -2.06 -4.57
CA LEU C 20 8.16 -1.23 -4.23
C LEU C 20 9.46 -1.92 -4.62
N LEU C 21 10.22 -1.28 -5.50
CA LEU C 21 11.49 -1.83 -5.97
C LEU C 21 12.43 -2.16 -4.81
N LYS C 22 12.19 -1.54 -3.66
CA LYS C 22 13.03 -1.78 -2.48
C LYS C 22 12.30 -2.66 -1.46
N SER D 1 15.51 -3.59 10.96
CA SER D 1 15.02 -2.21 10.75
C SER D 1 14.67 -1.96 9.28
N ASN D 2 15.46 -2.56 8.38
CA ASN D 2 15.25 -2.41 6.95
C ASN D 2 13.89 -2.97 6.54
N PHE D 3 13.59 -4.17 7.01
CA PHE D 3 12.33 -4.82 6.70
C PHE D 3 11.28 -4.52 7.76
N LEU D 4 10.30 -3.70 7.41
CA LEU D 4 9.24 -3.33 8.34
C LEU D 4 7.86 -3.53 7.70
N ASN D 5 7.40 -4.78 7.67
CA ASN D 5 6.09 -5.10 7.09
C ASN D 5 5.01 -5.09 8.17
N CYS D 6 5.01 -4.04 9.00
CA CYS D 6 4.03 -3.90 10.06
C CYS D 6 2.62 -4.21 9.56
N TYR D 7 2.18 -5.44 9.77
CA TYR D 7 0.85 -5.85 9.32
C TYR D 7 -0.01 -6.32 10.49
N VAL D 8 -1.24 -5.81 10.54
CA VAL D 8 -2.17 -6.18 11.60
C VAL D 8 -3.60 -6.21 11.07
N SER D 9 -4.01 -7.37 10.57
CA SER D 9 -5.35 -7.55 10.03
C SER D 9 -5.59 -8.99 9.64
N GLY D 10 -4.70 -9.54 8.81
CA GLY D 10 -4.83 -10.91 8.37
C GLY D 10 -5.73 -11.07 7.15
N PHE D 11 -6.38 -9.97 6.74
CA PHE D 11 -7.28 -10.01 5.59
C PHE D 11 -6.61 -10.67 4.39
N HIS D 12 -6.94 -11.93 4.16
CA HIS D 12 -6.38 -12.70 3.06
C HIS D 12 -7.15 -12.48 1.75
N PRO D 13 -8.48 -12.26 1.79
CA PRO D 13 -9.27 -12.06 0.58
C PRO D 13 -8.92 -10.76 -0.14
N SER D 14 -9.72 -10.41 -1.16
CA SER D 14 -9.48 -9.20 -1.93
C SER D 14 -8.18 -9.32 -2.73
N ASP D 15 -7.81 -8.24 -3.43
CA ASP D 15 -6.59 -8.25 -4.23
C ASP D 15 -5.47 -7.52 -3.49
N ILE D 16 -4.84 -8.22 -2.55
CA ILE D 16 -3.76 -7.64 -1.77
C ILE D 16 -2.42 -8.28 -2.13
N GLU D 17 -1.49 -7.46 -2.60
CA GLU D 17 -0.16 -7.96 -2.97
C GLU D 17 0.92 -6.93 -2.68
N VAL D 18 1.99 -7.36 -2.02
CA VAL D 18 3.10 -6.47 -1.69
C VAL D 18 4.38 -6.93 -2.36
N ASP D 19 4.93 -6.07 -3.21
CA ASP D 19 6.16 -6.38 -3.92
C ASP D 19 7.38 -5.94 -3.11
N LEU D 20 7.84 -6.82 -2.23
CA LEU D 20 8.99 -6.53 -1.39
C LEU D 20 10.29 -6.65 -2.19
N LEU D 21 10.74 -5.53 -2.75
CA LEU D 21 11.97 -5.51 -3.54
C LEU D 21 11.78 -6.24 -4.87
N LYS D 22 10.58 -6.14 -5.42
CA LYS D 22 10.26 -6.79 -6.68
C LYS D 22 10.40 -8.30 -6.57
N SER A 1 14.67 11.16 -0.64
CA SER A 1 13.34 11.50 -1.21
C SER A 1 12.22 11.19 -0.21
N ASN A 2 11.80 12.21 0.52
CA ASN A 2 10.74 12.05 1.51
C ASN A 2 9.43 11.61 0.85
N PHE A 3 9.17 10.31 0.92
CA PHE A 3 7.94 9.76 0.32
C PHE A 3 6.90 9.47 1.40
N LEU A 4 5.80 10.19 1.35
CA LEU A 4 4.72 10.02 2.32
C LEU A 4 3.43 9.61 1.62
N ASN A 5 3.12 8.31 1.68
CA ASN A 5 1.91 7.78 1.05
C ASN A 5 1.01 7.12 2.09
N CYS A 6 0.20 7.92 2.77
CA CYS A 6 -0.71 7.41 3.78
C CYS A 6 -2.06 7.06 3.17
N TYR A 7 -2.98 6.59 4.01
CA TYR A 7 -4.31 6.21 3.55
C TYR A 7 -5.23 5.91 4.74
N VAL A 8 -6.21 6.79 4.95
CA VAL A 8 -7.16 6.62 6.05
C VAL A 8 -8.50 6.10 5.53
N SER A 9 -9.06 5.11 6.23
CA SER A 9 -10.34 4.53 5.85
C SER A 9 -11.36 5.59 5.44
N GLY A 10 -11.45 5.83 4.13
CA GLY A 10 -12.37 6.83 3.62
C GLY A 10 -12.17 7.07 2.13
N PHE A 11 -13.01 6.45 1.32
CA PHE A 11 -12.90 6.60 -0.13
C PHE A 11 -14.10 7.36 -0.70
N HIS A 12 -14.12 7.50 -2.02
CA HIS A 12 -15.19 8.21 -2.71
C HIS A 12 -15.07 8.00 -4.22
N PRO A 13 -13.96 8.43 -4.83
CA PRO A 13 -13.73 8.27 -6.28
C PRO A 13 -13.80 6.81 -6.71
N SER A 14 -13.27 6.50 -7.88
CA SER A 14 -13.28 5.14 -8.39
C SER A 14 -11.87 4.66 -8.73
N ASP A 15 -11.24 5.29 -9.72
CA ASP A 15 -9.89 4.91 -10.13
C ASP A 15 -8.84 5.80 -9.49
N ILE A 16 -8.08 5.22 -8.55
CA ILE A 16 -7.03 5.95 -7.86
C ILE A 16 -5.70 5.19 -7.97
N GLU A 17 -4.61 5.95 -8.09
CA GLU A 17 -3.28 5.35 -8.22
C GLU A 17 -2.21 6.44 -8.32
N VAL A 18 -0.98 6.10 -7.96
CA VAL A 18 0.11 7.06 -8.00
C VAL A 18 1.44 6.43 -7.57
N ASP A 19 2.45 7.29 -7.41
CA ASP A 19 3.82 6.91 -7.00
C ASP A 19 4.86 7.46 -7.99
N LEU A 20 5.76 6.61 -8.47
CA LEU A 20 6.79 7.06 -9.41
C LEU A 20 7.21 5.93 -10.35
N LEU A 21 7.76 6.30 -11.50
CA LEU A 21 8.22 5.33 -12.50
C LEU A 21 9.73 5.19 -12.44
N LYS A 22 10.20 3.95 -12.45
CA LYS A 22 11.63 3.67 -12.41
C LYS A 22 11.95 2.35 -13.11
N SER B 1 12.36 9.83 5.80
CA SER B 1 13.70 9.26 5.52
C SER B 1 13.80 8.78 4.07
N ASN B 2 12.92 7.85 3.70
CA ASN B 2 12.90 7.30 2.35
C ASN B 2 11.48 7.00 1.90
N PHE B 3 10.94 5.89 2.41
CA PHE B 3 9.57 5.49 2.07
C PHE B 3 8.76 5.21 3.33
N LEU B 4 7.59 5.83 3.40
CA LEU B 4 6.70 5.66 4.54
C LEU B 4 5.24 5.60 4.09
N ASN B 5 4.76 4.39 3.84
CA ASN B 5 3.38 4.19 3.40
C ASN B 5 2.52 3.64 4.53
N CYS B 6 1.49 4.39 4.90
CA CYS B 6 0.59 3.98 5.97
C CYS B 6 -0.81 3.74 5.41
N TYR B 7 -1.21 2.47 5.35
CA TYR B 7 -2.52 2.11 4.82
C TYR B 7 -3.49 1.73 5.93
N VAL B 8 -4.64 2.40 5.95
CA VAL B 8 -5.67 2.13 6.95
C VAL B 8 -7.01 1.85 6.27
N SER B 9 -7.13 0.65 5.70
CA SER B 9 -8.34 0.26 5.00
C SER B 9 -9.58 0.39 5.89
N GLY B 10 -10.75 0.16 5.29
CA GLY B 10 -11.99 0.25 6.02
C GLY B 10 -13.11 0.86 5.19
N PHE B 11 -13.23 0.40 3.94
CA PHE B 11 -14.26 0.91 3.05
C PHE B 11 -14.72 -0.17 2.08
N HIS B 12 -15.63 0.21 1.16
CA HIS B 12 -16.17 -0.72 0.18
C HIS B 12 -15.27 -0.78 -1.06
N PRO B 13 -15.62 -1.61 -2.07
CA PRO B 13 -14.83 -1.76 -3.29
C PRO B 13 -14.27 -0.44 -3.81
N SER B 14 -12.97 -0.45 -4.14
CA SER B 14 -12.30 0.74 -4.65
C SER B 14 -11.05 0.35 -5.43
N ASP B 15 -10.67 1.18 -6.40
CA ASP B 15 -9.48 0.91 -7.21
C ASP B 15 -8.31 1.78 -6.77
N ILE B 16 -7.34 1.16 -6.11
CA ILE B 16 -6.15 1.86 -5.64
C ILE B 16 -4.88 1.15 -6.06
N GLU B 17 -3.94 1.89 -6.64
CA GLU B 17 -2.68 1.31 -7.10
C GLU B 17 -1.49 2.12 -6.60
N VAL B 18 -0.53 1.43 -6.00
CA VAL B 18 0.68 2.06 -5.48
C VAL B 18 1.91 1.38 -6.05
N ASP B 19 2.69 2.11 -6.85
CA ASP B 19 3.88 1.54 -7.46
C ASP B 19 5.08 2.48 -7.38
N LEU B 20 6.01 2.17 -6.47
CA LEU B 20 7.22 2.97 -6.33
C LEU B 20 8.30 2.43 -7.26
N LEU B 21 8.00 2.42 -8.56
CA LEU B 21 8.92 1.93 -9.57
C LEU B 21 8.23 1.83 -10.94
N LYS B 22 8.84 1.09 -11.86
CA LYS B 22 8.27 0.92 -13.20
C LYS B 22 6.87 0.32 -13.11
N SER C 1 16.05 2.45 7.95
CA SER C 1 14.59 2.43 7.65
C SER C 1 14.30 3.00 6.27
N ASN C 2 14.34 2.13 5.26
CA ASN C 2 14.08 2.54 3.89
C ASN C 2 12.65 2.20 3.48
N PHE C 3 12.31 0.92 3.56
CA PHE C 3 10.97 0.47 3.20
C PHE C 3 10.09 0.32 4.43
N LEU C 4 9.40 1.39 4.80
CA LEU C 4 8.53 1.38 5.96
C LEU C 4 7.07 1.26 5.53
N ASN C 5 6.67 0.05 5.15
CA ASN C 5 5.30 -0.21 4.72
C ASN C 5 4.46 -0.77 5.87
N CYS C 6 3.24 -0.28 6.01
CA CYS C 6 2.36 -0.73 7.08
C CYS C 6 0.89 -0.62 6.67
N TYR C 7 0.18 -1.75 6.72
CA TYR C 7 -1.23 -1.78 6.37
C TYR C 7 -2.06 -2.30 7.55
N VAL C 8 -3.26 -1.75 7.71
CA VAL C 8 -4.13 -2.16 8.81
C VAL C 8 -5.59 -2.22 8.37
N SER C 9 -6.40 -2.98 9.12
CA SER C 9 -7.82 -3.14 8.86
C SER C 9 -8.07 -4.19 7.78
N GLY C 10 -7.73 -3.87 6.54
CA GLY C 10 -7.93 -4.80 5.45
C GLY C 10 -9.38 -4.90 5.02
N PHE C 11 -9.67 -5.82 4.11
CA PHE C 11 -11.03 -6.01 3.62
C PHE C 11 -11.11 -7.22 2.70
N HIS C 12 -12.30 -7.45 2.14
CA HIS C 12 -12.52 -8.57 1.23
C HIS C 12 -12.72 -8.07 -0.20
N PRO C 13 -13.72 -7.20 -0.43
CA PRO C 13 -14.02 -6.66 -1.75
C PRO C 13 -13.33 -5.32 -2.01
N SER C 14 -12.13 -5.36 -2.58
CA SER C 14 -11.39 -4.15 -2.88
C SER C 14 -10.07 -4.46 -3.58
N ASP C 15 -9.39 -3.41 -4.05
CA ASP C 15 -8.11 -3.58 -4.74
C ASP C 15 -7.08 -2.57 -4.25
N ILE C 16 -5.92 -3.06 -3.85
CA ILE C 16 -4.84 -2.19 -3.37
C ILE C 16 -3.48 -2.81 -3.63
N GLU C 17 -2.80 -2.34 -4.67
CA GLU C 17 -1.48 -2.86 -5.02
C GLU C 17 -0.37 -1.96 -4.48
N VAL C 18 0.69 -2.57 -3.95
CA VAL C 18 1.81 -1.83 -3.41
C VAL C 18 3.12 -2.56 -3.68
N ASP C 19 4.03 -1.90 -4.39
CA ASP C 19 5.32 -2.49 -4.70
C ASP C 19 6.43 -1.44 -4.70
N LEU C 20 7.55 -1.77 -4.06
CA LEU C 20 8.68 -0.85 -3.98
C LEU C 20 9.93 -1.49 -4.60
N LEU C 21 10.58 -0.75 -5.50
CA LEU C 21 11.78 -1.24 -6.16
C LEU C 21 12.83 -0.14 -6.29
N LYS C 22 12.40 1.06 -6.65
CA LYS C 22 13.29 2.19 -6.81
C LYS C 22 14.53 1.81 -7.64
N SER D 1 17.70 -5.03 8.95
CA SER D 1 17.38 -4.86 7.51
C SER D 1 16.46 -3.65 7.30
N ASN D 2 16.25 -3.30 6.03
CA ASN D 2 15.40 -2.17 5.69
C ASN D 2 14.06 -2.65 5.13
N PHE D 3 13.65 -3.85 5.54
CA PHE D 3 12.39 -4.42 5.09
C PHE D 3 11.34 -4.40 6.20
N LEU D 4 10.64 -3.27 6.31
CA LEU D 4 9.60 -3.12 7.33
C LEU D 4 8.24 -3.54 6.77
N ASN D 5 7.89 -4.81 6.99
CA ASN D 5 6.61 -5.34 6.52
C ASN D 5 5.56 -5.29 7.62
N CYS D 6 5.29 -4.10 8.13
CA CYS D 6 4.30 -3.92 9.20
C CYS D 6 2.93 -4.39 8.74
N TYR D 7 2.38 -5.39 9.43
CA TYR D 7 1.07 -5.93 9.09
C TYR D 7 0.15 -5.98 10.31
N VAL D 8 -1.10 -5.58 10.11
CA VAL D 8 -2.09 -5.57 11.17
C VAL D 8 -3.50 -5.69 10.60
N SER D 9 -3.74 -6.78 9.86
CA SER D 9 -5.04 -7.02 9.25
C SER D 9 -4.96 -8.21 8.30
N GLY D 10 -6.09 -8.59 7.73
CA GLY D 10 -6.13 -9.72 6.81
C GLY D 10 -6.96 -9.43 5.57
N PHE D 11 -6.54 -10.00 4.44
CA PHE D 11 -7.25 -9.80 3.18
C PHE D 11 -6.83 -10.85 2.15
N HIS D 12 -7.31 -12.07 2.32
CA HIS D 12 -6.99 -13.16 1.40
C HIS D 12 -7.63 -12.92 0.03
N PRO D 13 -8.98 -12.95 -0.04
CA PRO D 13 -9.70 -12.73 -1.29
C PRO D 13 -9.81 -11.25 -1.65
N SER D 14 -8.83 -10.74 -2.38
CA SER D 14 -8.82 -9.34 -2.78
C SER D 14 -7.63 -9.03 -3.69
N ASP D 15 -7.78 -8.01 -4.52
CA ASP D 15 -6.72 -7.60 -5.44
C ASP D 15 -5.67 -6.78 -4.72
N ILE D 16 -5.00 -7.40 -3.74
CA ILE D 16 -3.98 -6.73 -2.96
C ILE D 16 -2.60 -7.34 -3.23
N GLU D 17 -1.56 -6.52 -3.09
CA GLU D 17 -0.20 -6.99 -3.32
C GLU D 17 0.82 -6.05 -2.69
N VAL D 18 1.20 -6.35 -1.44
CA VAL D 18 2.17 -5.54 -0.72
C VAL D 18 3.52 -6.26 -0.66
N ASP D 19 4.54 -5.66 -1.25
CA ASP D 19 5.87 -6.25 -1.23
C ASP D 19 6.90 -5.30 -1.85
N LEU D 20 8.13 -5.78 -1.96
CA LEU D 20 9.21 -4.99 -2.52
C LEU D 20 10.48 -5.83 -2.67
N LEU D 21 11.59 -5.19 -3.02
CA LEU D 21 12.86 -5.88 -3.18
C LEU D 21 13.13 -6.83 -2.02
N LYS D 22 12.91 -8.12 -2.26
CA LYS D 22 13.13 -9.14 -1.23
C LYS D 22 12.09 -9.02 -0.13
N SER A 1 16.28 6.84 -0.09
CA SER A 1 15.13 7.50 -0.76
C SER A 1 14.05 7.87 0.24
N ASN A 2 13.16 8.78 -0.16
CA ASN A 2 12.07 9.22 0.70
C ASN A 2 10.72 8.96 0.06
N PHE A 3 9.76 8.54 0.88
CA PHE A 3 8.42 8.24 0.39
C PHE A 3 7.42 8.14 1.54
N LEU A 4 6.35 8.92 1.46
CA LEU A 4 5.32 8.92 2.50
C LEU A 4 3.93 8.77 1.89
N ASN A 5 3.47 7.53 1.79
CA ASN A 5 2.16 7.25 1.22
C ASN A 5 1.21 6.73 2.31
N CYS A 6 0.63 7.65 3.06
CA CYS A 6 -0.29 7.29 4.14
C CYS A 6 -1.74 7.30 3.65
N TYR A 7 -2.44 6.20 3.89
CA TYR A 7 -3.83 6.08 3.48
C TYR A 7 -4.75 6.00 4.69
N VAL A 8 -6.02 6.32 4.48
CA VAL A 8 -7.00 6.28 5.56
C VAL A 8 -8.40 6.62 5.07
N SER A 9 -9.24 5.59 4.98
CA SER A 9 -10.64 5.74 4.54
C SER A 9 -10.79 6.82 3.47
N GLY A 10 -10.85 6.41 2.21
CA GLY A 10 -11.00 7.36 1.12
C GLY A 10 -10.85 6.72 -0.24
N PHE A 11 -11.88 6.87 -1.08
CA PHE A 11 -11.86 6.30 -2.42
C PHE A 11 -13.15 6.63 -3.17
N HIS A 12 -13.12 6.49 -4.50
CA HIS A 12 -14.29 6.76 -5.33
C HIS A 12 -14.13 6.14 -6.72
N PRO A 13 -13.16 6.65 -7.51
CA PRO A 13 -12.90 6.14 -8.86
C PRO A 13 -12.37 4.71 -8.85
N SER A 14 -13.15 3.78 -9.40
CA SER A 14 -12.78 2.36 -9.45
C SER A 14 -11.29 2.16 -9.73
N ASP A 15 -10.81 2.74 -10.83
CA ASP A 15 -9.41 2.62 -11.21
C ASP A 15 -8.55 3.66 -10.50
N ILE A 16 -7.54 3.19 -9.77
CA ILE A 16 -6.64 4.08 -9.05
C ILE A 16 -5.23 3.49 -8.99
N GLU A 17 -4.24 4.33 -9.28
CA GLU A 17 -2.84 3.90 -9.25
C GLU A 17 -1.93 5.04 -8.80
N VAL A 18 -0.91 4.71 -8.03
CA VAL A 18 0.04 5.70 -7.53
C VAL A 18 1.40 5.55 -8.22
N ASP A 19 2.19 6.62 -8.18
CA ASP A 19 3.52 6.61 -8.79
C ASP A 19 4.49 7.47 -7.99
N LEU A 20 5.74 7.02 -7.93
CA LEU A 20 6.78 7.76 -7.20
C LEU A 20 8.00 7.98 -8.08
N LEU A 21 8.60 9.16 -7.95
CA LEU A 21 9.79 9.53 -8.72
C LEU A 21 9.41 9.93 -10.14
N LYS A 22 9.28 11.24 -10.36
CA LYS A 22 8.91 11.75 -11.68
C LYS A 22 10.01 11.43 -12.70
N SER B 1 11.71 5.72 7.70
CA SER B 1 12.16 7.04 7.19
C SER B 1 12.29 7.02 5.67
N ASN B 2 12.61 5.85 5.12
CA ASN B 2 12.77 5.70 3.68
C ASN B 2 11.42 5.47 3.01
N PHE B 3 10.95 4.22 3.06
CA PHE B 3 9.66 3.87 2.46
C PHE B 3 8.58 3.78 3.52
N LEU B 4 7.64 4.73 3.49
CA LEU B 4 6.55 4.77 4.45
C LEU B 4 5.20 4.64 3.76
N ASN B 5 4.71 3.40 3.66
CA ASN B 5 3.42 3.14 3.02
C ASN B 5 2.51 2.34 3.95
N CYS B 6 1.23 2.67 3.96
CA CYS B 6 0.27 1.96 4.80
C CYS B 6 -1.12 2.58 4.68
N TYR B 7 -2.13 1.81 5.09
CA TYR B 7 -3.51 2.29 5.02
C TYR B 7 -4.23 2.11 6.35
N VAL B 8 -5.22 2.96 6.59
CA VAL B 8 -5.99 2.91 7.84
C VAL B 8 -7.48 2.69 7.57
N SER B 9 -7.93 1.46 7.78
CA SER B 9 -9.34 1.09 7.59
C SER B 9 -9.95 1.76 6.35
N GLY B 10 -11.27 1.73 6.25
CA GLY B 10 -11.96 2.32 5.12
C GLY B 10 -11.31 2.00 3.79
N PHE B 11 -11.04 0.72 3.56
CA PHE B 11 -10.42 0.29 2.32
C PHE B 11 -11.29 -0.70 1.56
N HIS B 12 -12.40 -0.21 1.01
CA HIS B 12 -13.32 -1.04 0.25
C HIS B 12 -13.33 -0.69 -1.25
N PRO B 13 -12.31 0.03 -1.79
CA PRO B 13 -12.27 0.39 -3.21
C PRO B 13 -12.44 -0.80 -4.14
N SER B 14 -12.08 -0.60 -5.40
CA SER B 14 -12.17 -1.64 -6.41
C SER B 14 -10.79 -2.16 -6.78
N ASP B 15 -10.03 -1.36 -7.53
CA ASP B 15 -8.69 -1.73 -7.95
C ASP B 15 -7.68 -0.63 -7.67
N ILE B 16 -6.75 -0.92 -6.75
CA ILE B 16 -5.71 0.05 -6.38
C ILE B 16 -4.32 -0.57 -6.52
N GLU B 17 -3.39 0.23 -7.04
CA GLU B 17 -2.02 -0.23 -7.23
C GLU B 17 -1.03 0.91 -7.00
N VAL B 18 0.22 0.56 -6.67
CA VAL B 18 1.25 1.55 -6.43
C VAL B 18 2.55 1.17 -7.12
N ASP B 19 3.10 2.10 -7.91
CA ASP B 19 4.33 1.86 -8.64
C ASP B 19 5.41 2.87 -8.25
N LEU B 20 6.31 2.46 -7.37
CA LEU B 20 7.39 3.33 -6.92
C LEU B 20 8.67 3.03 -7.70
N LEU B 21 9.05 3.95 -8.59
CA LEU B 21 10.26 3.79 -9.40
C LEU B 21 10.44 4.94 -10.37
N LYS B 22 9.36 5.30 -11.07
CA LYS B 22 9.40 6.38 -12.04
C LYS B 22 8.01 6.99 -12.22
N SER C 1 16.66 -2.20 3.22
CA SER C 1 16.13 -0.82 3.23
C SER C 1 14.88 -0.72 4.11
N ASN C 2 14.70 0.44 4.73
CA ASN C 2 13.54 0.68 5.60
C ASN C 2 12.23 0.45 4.85
N PHE C 3 11.65 -0.73 5.02
CA PHE C 3 10.39 -1.07 4.36
C PHE C 3 9.22 -0.95 5.33
N LEU C 4 8.34 0.01 5.07
CA LEU C 4 7.18 0.22 5.92
C LEU C 4 5.88 0.09 5.10
N ASN C 5 5.40 -1.13 4.95
CA ASN C 5 4.17 -1.39 4.20
C ASN C 5 3.18 -2.18 5.06
N CYS C 6 2.44 -1.47 5.89
CA CYS C 6 1.47 -2.11 6.78
C CYS C 6 0.12 -1.40 6.78
N TYR C 7 -0.75 -1.81 7.70
CA TYR C 7 -2.07 -1.20 7.81
C TYR C 7 -2.73 -1.64 9.12
N VAL C 8 -3.92 -1.08 9.38
CA VAL C 8 -4.65 -1.41 10.59
C VAL C 8 -6.14 -1.64 10.33
N SER C 9 -6.73 -2.55 11.10
CA SER C 9 -8.15 -2.90 10.99
C SER C 9 -8.35 -4.18 10.20
N GLY C 10 -9.60 -4.50 9.89
CA GLY C 10 -9.92 -5.70 9.15
C GLY C 10 -9.77 -5.52 7.65
N PHE C 11 -9.74 -4.27 7.20
CA PHE C 11 -9.60 -3.97 5.78
C PHE C 11 -10.82 -4.47 5.00
N HIS C 12 -11.50 -3.55 4.32
CA HIS C 12 -12.68 -3.91 3.54
C HIS C 12 -12.28 -4.58 2.23
N PRO C 13 -13.23 -5.27 1.58
CA PRO C 13 -12.98 -5.95 0.31
C PRO C 13 -12.48 -5.00 -0.77
N SER C 14 -11.22 -5.16 -1.16
CA SER C 14 -10.62 -4.31 -2.19
C SER C 14 -9.33 -4.94 -2.72
N ASP C 15 -8.92 -4.51 -3.91
CA ASP C 15 -7.69 -5.04 -4.52
C ASP C 15 -6.53 -4.07 -4.33
N ILE C 16 -5.44 -4.57 -3.77
CA ILE C 16 -4.25 -3.76 -3.54
C ILE C 16 -3.02 -4.39 -4.16
N GLU C 17 -2.44 -3.70 -5.14
CA GLU C 17 -1.24 -4.20 -5.82
C GLU C 17 -0.03 -3.36 -5.48
N VAL C 18 0.64 -3.70 -4.37
CA VAL C 18 1.82 -2.97 -3.94
C VAL C 18 3.05 -3.43 -4.70
N ASP C 19 3.70 -2.50 -5.39
CA ASP C 19 4.90 -2.83 -6.17
C ASP C 19 5.91 -1.69 -6.10
N LEU C 20 7.09 -1.98 -5.55
CA LEU C 20 8.14 -0.98 -5.43
C LEU C 20 9.49 -1.60 -5.79
N LEU C 21 10.13 -1.03 -6.81
CA LEU C 21 11.43 -1.52 -7.27
C LEU C 21 12.12 -0.49 -8.15
N LYS C 22 13.18 -0.92 -8.84
CA LYS C 22 13.93 -0.04 -9.72
C LYS C 22 14.43 1.19 -8.98
N SER D 1 15.02 -4.69 12.39
CA SER D 1 14.94 -3.20 12.50
C SER D 1 15.04 -2.55 11.13
N ASN D 2 14.32 -3.10 10.15
CA ASN D 2 14.34 -2.56 8.79
C ASN D 2 13.06 -2.91 8.05
N PHE D 3 12.62 -4.16 8.18
CA PHE D 3 11.41 -4.60 7.52
C PHE D 3 10.18 -4.47 8.43
N LEU D 4 9.06 -4.09 7.83
CA LEU D 4 7.81 -3.92 8.56
C LEU D 4 6.62 -3.99 7.60
N ASN D 5 5.73 -4.96 7.83
CA ASN D 5 4.58 -5.13 6.95
C ASN D 5 3.30 -5.44 7.73
N CYS D 6 2.18 -5.49 6.99
CA CYS D 6 0.85 -5.79 7.56
C CYS D 6 0.69 -5.17 8.94
N TYR D 7 1.26 -5.83 9.94
CA TYR D 7 1.22 -5.35 11.31
C TYR D 7 -0.15 -5.55 11.96
N VAL D 8 -1.06 -4.60 11.79
CA VAL D 8 -2.37 -4.71 12.39
C VAL D 8 -3.41 -5.13 11.36
N SER D 9 -3.11 -6.20 10.64
CA SER D 9 -4.00 -6.73 9.62
C SER D 9 -4.93 -7.81 10.19
N GLY D 10 -5.49 -8.63 9.32
CA GLY D 10 -6.38 -9.69 9.77
C GLY D 10 -7.46 -10.05 8.75
N PHE D 11 -7.52 -9.30 7.65
CA PHE D 11 -8.51 -9.55 6.61
C PHE D 11 -8.58 -11.02 6.25
N HIS D 12 -9.58 -11.39 5.45
CA HIS D 12 -9.76 -12.77 5.03
C HIS D 12 -9.59 -12.90 3.51
N PRO D 13 -10.48 -12.30 2.70
CA PRO D 13 -10.40 -12.36 1.25
C PRO D 13 -9.47 -11.28 0.67
N SER D 14 -10.05 -10.24 0.06
CA SER D 14 -9.25 -9.15 -0.52
C SER D 14 -8.17 -9.69 -1.46
N ASP D 15 -7.46 -8.78 -2.10
CA ASP D 15 -6.40 -9.16 -3.04
C ASP D 15 -5.06 -8.57 -2.58
N ILE D 16 -4.50 -9.14 -1.52
CA ILE D 16 -3.22 -8.68 -0.98
C ILE D 16 -2.06 -9.12 -1.87
N GLU D 17 -1.47 -8.15 -2.57
CA GLU D 17 -0.35 -8.42 -3.45
C GLU D 17 0.78 -7.44 -3.21
N VAL D 18 1.85 -7.90 -2.57
CA VAL D 18 3.00 -7.05 -2.26
C VAL D 18 4.28 -7.63 -2.83
N ASP D 19 5.05 -6.80 -3.54
CA ASP D 19 6.31 -7.22 -4.13
C ASP D 19 7.39 -6.17 -3.90
N LEU D 20 8.32 -6.47 -3.00
CA LEU D 20 9.40 -5.54 -2.70
C LEU D 20 10.72 -6.01 -3.30
N LEU D 21 11.44 -5.08 -3.92
CA LEU D 21 12.72 -5.40 -4.54
C LEU D 21 13.84 -4.57 -3.91
N LYS D 22 15.04 -4.66 -4.49
CA LYS D 22 16.19 -3.92 -3.99
C LYS D 22 16.60 -4.43 -2.61
N SER A 1 11.80 3.77 -3.72
CA SER A 1 12.47 5.00 -4.24
C SER A 1 12.01 6.25 -3.50
N ASN A 2 12.16 6.23 -2.17
CA ASN A 2 11.75 7.36 -1.34
C ASN A 2 10.26 7.64 -1.48
N PHE A 3 9.81 8.72 -0.86
CA PHE A 3 8.39 9.13 -0.89
C PHE A 3 7.59 8.44 0.22
N LEU A 4 6.31 8.77 0.31
CA LEU A 4 5.45 8.18 1.33
C LEU A 4 3.99 8.25 0.91
N ASN A 5 3.31 7.10 0.97
CA ASN A 5 1.91 7.02 0.61
C ASN A 5 1.03 6.91 1.86
N CYS A 6 0.30 7.98 2.15
CA CYS A 6 -0.57 8.01 3.32
C CYS A 6 -1.98 7.55 2.96
N TYR A 7 -2.48 6.55 3.69
CA TYR A 7 -3.81 6.02 3.46
C TYR A 7 -4.50 5.70 4.79
N VAL A 8 -5.67 6.30 5.01
CA VAL A 8 -6.42 6.08 6.23
C VAL A 8 -7.93 6.19 5.99
N SER A 9 -8.69 5.29 6.57
CA SER A 9 -10.14 5.29 6.42
C SER A 9 -10.54 4.84 5.02
N GLY A 10 -10.23 5.68 4.02
CA GLY A 10 -10.56 5.35 2.65
C GLY A 10 -11.14 6.53 1.88
N PHE A 11 -12.00 6.24 0.92
CA PHE A 11 -12.63 7.28 0.11
C PHE A 11 -13.68 6.70 -0.83
N HIS A 12 -14.10 7.49 -1.80
CA HIS A 12 -15.11 7.04 -2.76
C HIS A 12 -14.56 5.94 -3.65
N PRO A 13 -15.45 5.08 -4.20
CA PRO A 13 -15.05 3.98 -5.07
C PRO A 13 -14.42 4.47 -6.37
N SER A 14 -13.17 4.08 -6.60
CA SER A 14 -12.45 4.48 -7.80
C SER A 14 -11.15 3.70 -7.94
N ASP A 15 -10.26 4.16 -8.82
CA ASP A 15 -8.99 3.51 -9.05
C ASP A 15 -7.83 4.46 -8.74
N ILE A 16 -7.22 4.28 -7.57
CA ILE A 16 -6.10 5.11 -7.16
C ILE A 16 -4.79 4.53 -7.66
N GLU A 17 -3.88 5.41 -8.09
CA GLU A 17 -2.59 4.99 -8.60
C GLU A 17 -1.49 5.98 -8.23
N VAL A 18 -0.25 5.53 -8.32
CA VAL A 18 0.89 6.38 -7.99
C VAL A 18 2.15 5.91 -8.72
N ASP A 19 2.85 6.83 -9.35
CA ASP A 19 4.07 6.51 -10.08
C ASP A 19 5.22 7.43 -9.68
N LEU A 20 6.30 6.85 -9.20
CA LEU A 20 7.47 7.61 -8.78
C LEU A 20 8.59 7.50 -9.81
N LEU A 21 9.17 8.64 -10.18
CA LEU A 21 10.26 8.66 -11.14
C LEU A 21 11.37 9.60 -10.69
N LYS A 22 11.03 10.87 -10.51
CA LYS A 22 11.99 11.87 -10.08
C LYS A 22 11.63 12.43 -8.71
N SER B 1 15.47 9.60 0.24
CA SER B 1 15.83 8.44 1.10
C SER B 1 14.81 8.26 2.22
N ASN B 2 13.60 7.83 1.86
CA ASN B 2 12.54 7.62 2.84
C ASN B 2 11.29 7.05 2.18
N PHE B 3 10.95 5.81 2.52
CA PHE B 3 9.78 5.15 1.97
C PHE B 3 8.77 4.84 3.08
N LEU B 4 7.56 5.37 2.94
CA LEU B 4 6.51 5.15 3.93
C LEU B 4 5.18 4.79 3.26
N ASN B 5 4.89 3.50 3.19
CA ASN B 5 3.65 3.03 2.59
C ASN B 5 2.68 2.53 3.67
N CYS B 6 1.93 3.46 4.25
CA CYS B 6 0.98 3.12 5.29
C CYS B 6 -0.46 3.19 4.77
N TYR B 7 -1.24 2.16 5.08
CA TYR B 7 -2.63 2.10 4.65
C TYR B 7 -3.47 1.30 5.66
N VAL B 8 -4.41 1.98 6.30
CA VAL B 8 -5.27 1.34 7.29
C VAL B 8 -6.74 1.50 6.92
N SER B 9 -7.48 0.40 6.96
CA SER B 9 -8.89 0.41 6.61
C SER B 9 -9.09 0.79 5.15
N GLY B 10 -9.37 -0.21 4.33
CA GLY B 10 -9.57 0.03 2.91
C GLY B 10 -10.73 0.99 2.63
N PHE B 11 -11.76 0.49 1.96
CA PHE B 11 -12.93 1.30 1.63
C PHE B 11 -13.95 0.50 0.83
N HIS B 12 -13.97 0.67 -0.48
CA HIS B 12 -14.91 -0.05 -1.33
C HIS B 12 -14.20 -0.52 -2.60
N PRO B 13 -14.91 -1.22 -3.51
CA PRO B 13 -14.33 -1.73 -4.75
C PRO B 13 -13.48 -0.68 -5.46
N SER B 14 -12.19 -0.65 -5.12
CA SER B 14 -11.25 0.29 -5.71
C SER B 14 -9.94 -0.42 -6.06
N ASP B 15 -9.18 0.17 -6.97
CA ASP B 15 -7.91 -0.42 -7.39
C ASP B 15 -6.73 0.46 -6.96
N ILE B 16 -5.95 -0.04 -6.01
CA ILE B 16 -4.79 0.70 -5.52
C ILE B 16 -3.51 0.19 -6.18
N GLU B 17 -3.09 0.84 -7.26
CA GLU B 17 -1.89 0.44 -7.97
C GLU B 17 -0.72 1.35 -7.63
N VAL B 18 0.02 1.00 -6.58
CA VAL B 18 1.16 1.78 -6.17
C VAL B 18 2.44 1.25 -6.83
N ASP B 19 3.04 2.07 -7.67
CA ASP B 19 4.25 1.69 -8.37
C ASP B 19 5.37 2.71 -8.18
N LEU B 20 6.41 2.31 -7.46
CA LEU B 20 7.54 3.19 -7.21
C LEU B 20 8.71 2.82 -8.13
N LEU B 21 9.09 3.73 -9.00
CA LEU B 21 10.18 3.50 -9.94
C LEU B 21 9.70 2.59 -11.09
N LYS B 22 10.62 1.86 -11.71
CA LYS B 22 10.27 0.97 -12.82
C LYS B 22 9.84 1.78 -14.04
N SER C 1 12.36 5.71 8.02
CA SER C 1 13.80 5.83 7.66
C SER C 1 14.08 5.17 6.32
N ASN C 2 13.88 3.86 6.26
CA ASN C 2 14.12 3.11 5.03
C ASN C 2 12.81 2.67 4.40
N PHE C 3 12.18 1.67 5.01
CA PHE C 3 10.90 1.16 4.50
C PHE C 3 9.92 0.92 5.64
N LEU C 4 8.71 1.46 5.49
CA LEU C 4 7.68 1.30 6.50
C LEU C 4 6.34 0.97 5.84
N ASN C 5 5.86 -0.25 6.07
CA ASN C 5 4.59 -0.70 5.50
C ASN C 5 3.55 -0.93 6.59
N CYS C 6 2.32 -0.53 6.33
CA CYS C 6 1.23 -0.70 7.28
C CYS C 6 -0.04 -1.19 6.57
N TYR C 7 -0.40 -2.44 6.80
CA TYR C 7 -1.57 -3.03 6.18
C TYR C 7 -2.57 -3.51 7.23
N VAL C 8 -3.53 -2.67 7.56
CA VAL C 8 -4.56 -3.01 8.54
C VAL C 8 -5.82 -3.49 7.85
N SER C 9 -6.11 -4.78 7.95
CA SER C 9 -7.29 -5.36 7.32
C SER C 9 -8.56 -4.66 7.77
N GLY C 10 -9.70 -5.16 7.32
CA GLY C 10 -10.98 -4.57 7.67
C GLY C 10 -11.58 -3.78 6.51
N PHE C 11 -11.80 -4.45 5.40
CA PHE C 11 -12.35 -3.81 4.21
C PHE C 11 -12.69 -4.85 3.15
N HIS C 12 -13.10 -6.04 3.60
CA HIS C 12 -13.46 -7.17 2.73
C HIS C 12 -13.03 -6.97 1.26
N PRO C 13 -13.75 -6.13 0.48
CA PRO C 13 -13.41 -5.89 -0.93
C PRO C 13 -12.15 -5.03 -1.09
N SER C 14 -11.97 -4.48 -2.29
CA SER C 14 -10.84 -3.61 -2.60
C SER C 14 -9.57 -4.42 -2.88
N ASP C 15 -8.66 -3.81 -3.63
CA ASP C 15 -7.39 -4.46 -3.98
C ASP C 15 -6.21 -3.53 -3.67
N ILE C 16 -5.10 -4.12 -3.25
CA ILE C 16 -3.90 -3.35 -2.91
C ILE C 16 -2.66 -3.91 -3.59
N GLU C 17 -2.11 -3.15 -4.52
CA GLU C 17 -0.91 -3.57 -5.25
C GLU C 17 0.27 -2.66 -4.92
N VAL C 18 0.90 -2.91 -3.78
CA VAL C 18 2.05 -2.11 -3.35
C VAL C 18 3.36 -2.72 -3.83
N ASP C 19 4.13 -1.95 -4.60
CA ASP C 19 5.40 -2.42 -5.13
C ASP C 19 6.37 -1.25 -5.33
N LEU C 20 7.56 -1.38 -4.75
CA LEU C 20 8.58 -0.34 -4.88
C LEU C 20 9.93 -0.94 -5.19
N LEU C 21 10.73 -0.24 -6.00
CA LEU C 21 12.05 -0.70 -6.38
C LEU C 21 13.13 -0.04 -5.51
N LYS C 22 13.63 -0.80 -4.55
CA LYS C 22 14.67 -0.29 -3.65
C LYS C 22 14.17 0.94 -2.89
N SER D 1 18.32 -3.51 7.19
CA SER D 1 17.85 -2.09 7.14
C SER D 1 16.51 -1.93 7.83
N ASN D 2 16.02 -0.70 7.89
CA ASN D 2 14.74 -0.40 8.53
C ASN D 2 13.59 -0.99 7.72
N PHE D 3 13.11 -2.16 8.14
CA PHE D 3 12.01 -2.83 7.45
C PHE D 3 10.87 -3.12 8.43
N LEU D 4 9.73 -2.45 8.21
CA LEU D 4 8.56 -2.64 9.06
C LEU D 4 7.36 -3.09 8.24
N ASN D 5 7.09 -4.39 8.25
CA ASN D 5 5.97 -4.94 7.51
C ASN D 5 4.72 -5.05 8.40
N CYS D 6 4.36 -3.94 9.03
CA CYS D 6 3.19 -3.91 9.90
C CYS D 6 1.94 -4.29 9.14
N TYR D 7 1.24 -5.32 9.61
CA TYR D 7 0.03 -5.78 8.96
C TYR D 7 -0.66 -6.88 9.77
N VAL D 8 -1.98 -6.77 9.91
CA VAL D 8 -2.75 -7.76 10.67
C VAL D 8 -4.24 -7.42 10.65
N SER D 9 -5.07 -8.43 10.93
CA SER D 9 -6.54 -8.30 10.98
C SER D 9 -7.18 -9.20 9.93
N GLY D 10 -8.52 -9.18 9.87
CA GLY D 10 -9.23 -10.02 8.92
C GLY D 10 -9.61 -9.30 7.64
N PHE D 11 -9.73 -10.06 6.56
CA PHE D 11 -10.10 -9.50 5.26
C PHE D 11 -10.60 -10.59 4.31
N HIS D 12 -10.08 -11.81 4.48
CA HIS D 12 -10.45 -12.96 3.66
C HIS D 12 -10.76 -12.57 2.20
N PRO D 13 -12.03 -12.24 1.84
CA PRO D 13 -12.36 -11.87 0.45
C PRO D 13 -11.77 -10.52 0.03
N SER D 14 -10.45 -10.40 0.11
CA SER D 14 -9.77 -9.17 -0.26
C SER D 14 -8.53 -9.48 -1.10
N ASP D 15 -8.11 -8.52 -1.91
CA ASP D 15 -6.93 -8.70 -2.76
C ASP D 15 -5.76 -7.84 -2.29
N ILE D 16 -4.83 -8.44 -1.58
CA ILE D 16 -3.66 -7.73 -1.08
C ILE D 16 -2.37 -8.37 -1.56
N GLU D 17 -1.38 -7.53 -1.83
CA GLU D 17 -0.08 -8.01 -2.30
C GLU D 17 1.01 -6.97 -2.03
N VAL D 18 2.05 -7.38 -1.32
CA VAL D 18 3.16 -6.48 -0.99
C VAL D 18 4.44 -6.91 -1.70
N ASP D 19 5.11 -5.95 -2.32
CA ASP D 19 6.36 -6.21 -3.04
C ASP D 19 7.46 -5.24 -2.59
N LEU D 20 8.39 -5.76 -1.80
CA LEU D 20 9.50 -4.95 -1.29
C LEU D 20 10.80 -5.32 -1.99
N LEU D 21 11.20 -4.52 -2.98
CA LEU D 21 12.43 -4.76 -3.71
C LEU D 21 12.41 -6.15 -4.36
N LYS D 22 12.20 -6.17 -5.67
CA LYS D 22 12.16 -7.43 -6.41
C LYS D 22 12.70 -7.25 -7.83
N SER A 1 11.47 14.26 -1.25
CA SER A 1 11.89 12.87 -0.94
C SER A 1 10.82 12.14 -0.14
N ASN A 2 11.20 11.00 0.44
CA ASN A 2 10.28 10.19 1.24
C ASN A 2 8.93 10.04 0.55
N PHE A 3 8.75 8.93 -0.16
CA PHE A 3 7.49 8.67 -0.86
C PHE A 3 6.43 8.19 0.12
N LEU A 4 5.47 9.06 0.42
CA LEU A 4 4.39 8.72 1.33
C LEU A 4 3.14 8.31 0.56
N ASN A 5 3.22 7.16 -0.11
CA ASN A 5 2.10 6.65 -0.90
C ASN A 5 0.92 6.25 -0.01
N CYS A 6 -0.13 5.72 -0.64
CA CYS A 6 -1.32 5.28 0.08
C CYS A 6 -2.04 6.45 0.74
N TYR A 7 -2.99 6.15 1.62
CA TYR A 7 -3.75 7.19 2.31
C TYR A 7 -4.13 6.76 3.73
N VAL A 8 -4.29 7.74 4.61
CA VAL A 8 -4.66 7.46 6.00
C VAL A 8 -6.18 7.58 6.19
N SER A 9 -6.89 6.52 5.86
CA SER A 9 -8.35 6.50 6.00
C SER A 9 -9.00 7.56 5.11
N GLY A 10 -9.81 7.12 4.15
CA GLY A 10 -10.47 8.04 3.26
C GLY A 10 -9.95 7.95 1.84
N PHE A 11 -10.86 7.84 0.87
CA PHE A 11 -10.48 7.76 -0.54
C PHE A 11 -11.71 7.65 -1.42
N HIS A 12 -11.61 8.18 -2.64
CA HIS A 12 -12.71 8.15 -3.60
C HIS A 12 -12.74 6.80 -4.33
N PRO A 13 -13.90 6.42 -4.87
CA PRO A 13 -14.07 5.15 -5.60
C PRO A 13 -13.13 5.05 -6.80
N SER A 14 -13.48 4.16 -7.74
CA SER A 14 -12.68 3.93 -8.94
C SER A 14 -11.40 3.15 -8.62
N ASP A 15 -10.29 3.86 -8.43
CA ASP A 15 -9.02 3.21 -8.14
C ASP A 15 -7.90 4.22 -7.90
N ILE A 16 -6.84 3.77 -7.24
CA ILE A 16 -5.69 4.62 -6.95
C ILE A 16 -4.60 4.44 -8.00
N GLU A 17 -4.29 5.51 -8.73
CA GLU A 17 -3.26 5.46 -9.77
C GLU A 17 -2.01 6.20 -9.32
N VAL A 18 -0.92 5.47 -9.15
CA VAL A 18 0.34 6.06 -8.71
C VAL A 18 1.53 5.27 -9.25
N ASP A 19 2.55 5.98 -9.74
CA ASP A 19 3.73 5.33 -10.29
C ASP A 19 4.98 6.19 -10.07
N LEU A 20 6.00 5.58 -9.48
CA LEU A 20 7.27 6.26 -9.22
C LEU A 20 7.10 7.37 -8.19
N LEU A 21 6.37 8.42 -8.57
CA LEU A 21 6.14 9.56 -7.69
C LEU A 21 7.40 9.97 -6.95
N LYS A 22 8.30 10.66 -7.65
CA LYS A 22 9.56 11.10 -7.06
C LYS A 22 10.41 11.84 -8.09
N SER B 1 15.33 5.34 6.15
CA SER B 1 14.02 5.95 5.80
C SER B 1 14.00 6.43 4.35
N ASN B 2 13.00 5.99 3.60
CA ASN B 2 12.87 6.36 2.19
C ASN B 2 11.47 6.05 1.67
N PHE B 3 10.97 4.86 2.01
CA PHE B 3 9.64 4.46 1.56
C PHE B 3 8.62 4.56 2.70
N LEU B 4 7.56 5.32 2.46
CA LEU B 4 6.50 5.51 3.44
C LEU B 4 5.14 5.13 2.86
N ASN B 5 4.48 4.18 3.50
CA ASN B 5 3.17 3.72 3.05
C ASN B 5 2.15 3.80 4.18
N CYS B 6 1.15 4.66 4.01
CA CYS B 6 0.11 4.83 5.03
C CYS B 6 -1.26 4.43 4.50
N TYR B 7 -1.71 3.23 4.88
CA TYR B 7 -3.02 2.73 4.45
C TYR B 7 -3.86 2.33 5.66
N VAL B 8 -4.61 3.28 6.20
CA VAL B 8 -5.47 3.03 7.35
C VAL B 8 -6.93 2.89 6.94
N SER B 9 -7.58 1.85 7.45
CA SER B 9 -8.99 1.60 7.14
C SER B 9 -9.18 1.27 5.66
N GLY B 10 -10.22 0.49 5.36
CA GLY B 10 -10.49 0.12 3.99
C GLY B 10 -11.44 1.08 3.31
N PHE B 11 -12.37 0.54 2.53
CA PHE B 11 -13.34 1.36 1.81
C PHE B 11 -14.31 0.50 0.99
N HIS B 12 -14.15 0.49 -0.34
CA HIS B 12 -15.01 -0.28 -1.21
C HIS B 12 -14.19 -1.25 -2.07
N PRO B 13 -14.84 -1.99 -2.98
CA PRO B 13 -14.16 -2.95 -3.86
C PRO B 13 -13.18 -2.29 -4.83
N SER B 14 -13.08 -0.95 -4.76
CA SER B 14 -12.18 -0.20 -5.64
C SER B 14 -10.82 -0.89 -5.78
N ASP B 15 -10.09 -0.54 -6.83
CA ASP B 15 -8.78 -1.13 -7.07
C ASP B 15 -7.67 -0.17 -6.68
N ILE B 16 -6.58 -0.70 -6.14
CA ILE B 16 -5.46 0.14 -5.72
C ILE B 16 -4.19 -0.24 -6.48
N GLU B 17 -3.61 0.75 -7.16
CA GLU B 17 -2.38 0.54 -7.92
C GLU B 17 -1.28 1.48 -7.46
N VAL B 18 -0.53 1.04 -6.44
CA VAL B 18 0.55 1.84 -5.90
C VAL B 18 1.90 1.37 -6.43
N ASP B 19 2.61 2.26 -7.12
CA ASP B 19 3.92 1.94 -7.68
C ASP B 19 4.91 3.04 -7.34
N LEU B 20 6.00 2.67 -6.68
CA LEU B 20 7.03 3.63 -6.29
C LEU B 20 8.37 3.28 -6.90
N LEU B 21 9.15 4.31 -7.24
CA LEU B 21 10.46 4.10 -7.83
C LEU B 21 10.37 3.27 -9.10
N LYS B 22 9.19 3.24 -9.72
CA LYS B 22 8.99 2.48 -10.94
C LYS B 22 8.17 3.28 -11.95
N SER C 1 17.48 2.34 2.21
CA SER C 1 16.20 2.95 1.81
C SER C 1 15.13 2.76 2.88
N ASN C 2 15.11 1.58 3.48
CA ASN C 2 14.14 1.26 4.53
C ASN C 2 12.72 1.24 3.97
N PHE C 3 12.06 0.09 4.11
CA PHE C 3 10.69 -0.07 3.62
C PHE C 3 9.71 -0.13 4.79
N LEU C 4 9.00 0.98 5.02
CA LEU C 4 8.02 1.04 6.11
C LEU C 4 6.60 1.01 5.56
N ASN C 5 5.90 -0.10 5.80
CA ASN C 5 4.52 -0.25 5.33
C ASN C 5 3.57 -0.51 6.49
N CYS C 6 2.90 0.53 6.95
CA CYS C 6 1.96 0.41 8.06
C CYS C 6 0.53 0.61 7.56
N TYR C 7 -0.29 -0.44 7.70
CA TYR C 7 -1.67 -0.37 7.25
C TYR C 7 -2.60 -1.08 8.24
N VAL C 8 -3.84 -0.60 8.33
CA VAL C 8 -4.83 -1.18 9.23
C VAL C 8 -5.98 -1.78 8.44
N SER C 9 -6.08 -3.10 8.44
CA SER C 9 -7.13 -3.80 7.72
C SER C 9 -8.52 -3.26 8.07
N GLY C 10 -9.54 -3.81 7.44
CA GLY C 10 -10.91 -3.37 7.70
C GLY C 10 -11.75 -3.37 6.45
N PHE C 11 -11.70 -4.46 5.68
CA PHE C 11 -12.45 -4.57 4.45
C PHE C 11 -12.28 -5.96 3.82
N HIS C 12 -13.36 -6.48 3.26
CA HIS C 12 -13.33 -7.80 2.63
C HIS C 12 -12.90 -7.70 1.16
N PRO C 13 -13.68 -7.00 0.32
CA PRO C 13 -13.37 -6.83 -1.11
C PRO C 13 -12.25 -5.82 -1.35
N SER C 14 -12.14 -5.37 -2.60
CA SER C 14 -11.12 -4.40 -2.98
C SER C 14 -9.76 -5.08 -3.21
N ASP C 15 -8.87 -4.38 -3.90
CA ASP C 15 -7.55 -4.91 -4.20
C ASP C 15 -6.47 -3.92 -3.77
N ILE C 16 -5.49 -4.41 -3.01
CA ILE C 16 -4.39 -3.57 -2.55
C ILE C 16 -3.06 -4.02 -3.16
N GLU C 17 -2.67 -3.36 -4.25
CA GLU C 17 -1.43 -3.70 -4.93
C GLU C 17 -0.34 -2.66 -4.63
N VAL C 18 0.82 -3.14 -4.20
CA VAL C 18 1.94 -2.26 -3.86
C VAL C 18 3.26 -2.90 -4.28
N ASP C 19 3.99 -2.21 -5.14
CA ASP C 19 5.28 -2.71 -5.62
C ASP C 19 6.36 -1.64 -5.46
N LEU C 20 7.43 -2.01 -4.76
CA LEU C 20 8.54 -1.09 -4.54
C LEU C 20 9.68 -1.34 -5.53
N LEU C 21 9.81 -0.44 -6.50
CA LEU C 21 10.86 -0.56 -7.51
C LEU C 21 10.64 -1.80 -8.37
N LYS C 22 10.98 -2.96 -7.83
CA LYS C 22 10.83 -4.22 -8.54
C LYS C 22 10.15 -5.27 -7.68
N SER D 1 15.61 -7.93 6.02
CA SER D 1 16.48 -6.73 5.85
C SER D 1 15.67 -5.51 5.43
N ASN D 2 15.59 -4.53 6.31
CA ASN D 2 14.84 -3.30 6.03
C ASN D 2 13.37 -3.62 5.72
N PHE D 3 12.85 -4.67 6.36
CA PHE D 3 11.46 -5.06 6.14
C PHE D 3 10.61 -4.73 7.37
N LEU D 4 9.73 -3.75 7.23
CA LEU D 4 8.86 -3.35 8.33
C LEU D 4 7.42 -3.21 7.84
N ASN D 5 6.87 -4.31 7.34
CA ASN D 5 5.50 -4.32 6.85
C ASN D 5 4.50 -4.45 8.01
N CYS D 6 4.27 -3.35 8.70
CA CYS D 6 3.34 -3.34 9.83
C CYS D 6 1.90 -3.51 9.35
N TYR D 7 1.23 -4.52 9.87
CA TYR D 7 -0.15 -4.79 9.50
C TYR D 7 -1.02 -5.00 10.74
N VAL D 8 -2.27 -4.55 10.66
CA VAL D 8 -3.20 -4.68 11.78
C VAL D 8 -4.45 -5.46 11.38
N SER D 9 -5.06 -6.11 12.38
CA SER D 9 -6.27 -6.90 12.15
C SER D 9 -5.96 -8.14 11.31
N GLY D 10 -5.93 -7.98 10.00
CA GLY D 10 -5.65 -9.10 9.12
C GLY D 10 -6.23 -8.92 7.73
N PHE D 11 -5.92 -9.85 6.83
CA PHE D 11 -6.41 -9.79 5.47
C PHE D 11 -6.13 -11.09 4.73
N HIS D 12 -6.89 -11.33 3.65
CA HIS D 12 -6.71 -12.54 2.85
C HIS D 12 -7.66 -12.54 1.65
N PRO D 13 -8.99 -12.50 1.90
CA PRO D 13 -9.99 -12.52 0.83
C PRO D 13 -9.74 -11.43 -0.22
N SER D 14 -9.23 -10.29 0.23
CA SER D 14 -8.94 -9.18 -0.67
C SER D 14 -7.69 -9.45 -1.48
N ASP D 15 -7.57 -8.78 -2.63
CA ASP D 15 -6.41 -8.95 -3.49
C ASP D 15 -5.19 -8.21 -2.95
N ILE D 16 -4.16 -8.94 -2.56
CA ILE D 16 -2.95 -8.34 -2.01
C ILE D 16 -1.76 -8.54 -2.93
N GLU D 17 -0.86 -7.56 -2.95
CA GLU D 17 0.33 -7.63 -3.78
C GLU D 17 1.44 -6.73 -3.23
N VAL D 18 1.82 -6.97 -1.98
CA VAL D 18 2.86 -6.17 -1.34
C VAL D 18 4.25 -6.65 -1.75
N ASP D 19 5.12 -5.71 -2.08
CA ASP D 19 6.49 -6.03 -2.50
C ASP D 19 7.46 -4.92 -2.10
N LEU D 20 8.61 -5.31 -1.60
CA LEU D 20 9.63 -4.34 -1.17
C LEU D 20 10.97 -4.64 -1.85
N LEU D 21 11.22 -3.98 -2.98
CA LEU D 21 12.46 -4.18 -3.72
C LEU D 21 12.61 -5.62 -4.16
N LYS D 22 12.27 -5.89 -5.42
CA LYS D 22 12.35 -7.23 -5.98
C LYS D 22 11.36 -8.17 -5.28
N SER A 1 12.44 5.53 -3.91
CA SER A 1 11.72 6.81 -4.17
C SER A 1 11.66 7.66 -2.90
N ASN A 2 10.77 8.65 -2.92
CA ASN A 2 10.61 9.53 -1.77
C ASN A 2 9.27 10.28 -1.83
N PHE A 3 8.27 9.76 -1.14
CA PHE A 3 6.96 10.39 -1.12
C PHE A 3 6.10 9.83 0.01
N LEU A 4 4.83 10.21 0.04
CA LEU A 4 3.91 9.74 1.07
C LEU A 4 2.69 9.07 0.45
N ASN A 5 2.50 7.79 0.77
CA ASN A 5 1.38 7.03 0.25
C ASN A 5 0.59 6.38 1.39
N CYS A 6 0.04 7.22 2.27
CA CYS A 6 -0.72 6.72 3.41
C CYS A 6 -1.99 7.56 3.64
N TYR A 7 -3.04 6.90 4.08
CA TYR A 7 -4.31 7.58 4.35
C TYR A 7 -5.09 6.85 5.45
N VAL A 8 -5.56 7.61 6.42
CA VAL A 8 -6.31 7.04 7.53
C VAL A 8 -7.82 7.24 7.34
N SER A 9 -8.49 6.19 6.87
CA SER A 9 -9.93 6.25 6.65
C SER A 9 -10.28 7.35 5.66
N GLY A 10 -10.62 6.95 4.44
CA GLY A 10 -10.97 7.92 3.41
C GLY A 10 -10.71 7.42 2.01
N PHE A 11 -11.68 7.63 1.12
CA PHE A 11 -11.54 7.19 -0.27
C PHE A 11 -12.47 7.97 -1.18
N HIS A 12 -11.96 9.04 -1.78
CA HIS A 12 -12.75 9.88 -2.67
C HIS A 12 -12.82 9.28 -4.07
N PRO A 13 -11.67 8.86 -4.64
CA PRO A 13 -11.63 8.27 -5.98
C PRO A 13 -11.98 6.79 -5.98
N SER A 14 -11.91 6.18 -7.16
CA SER A 14 -12.21 4.76 -7.30
C SER A 14 -10.98 3.98 -7.71
N ASP A 15 -10.42 4.32 -8.87
CA ASP A 15 -9.23 3.65 -9.38
C ASP A 15 -8.04 4.61 -9.37
N ILE A 16 -7.14 4.41 -8.41
CA ILE A 16 -5.96 5.26 -8.29
C ILE A 16 -4.68 4.45 -8.46
N GLU A 17 -3.90 4.79 -9.48
CA GLU A 17 -2.65 4.10 -9.76
C GLU A 17 -1.46 5.05 -9.66
N VAL A 18 -0.93 5.20 -8.46
CA VAL A 18 0.20 6.08 -8.22
C VAL A 18 1.47 5.53 -8.86
N ASP A 19 2.34 6.41 -9.32
CA ASP A 19 3.59 6.00 -9.95
C ASP A 19 4.70 7.02 -9.69
N LEU A 20 5.93 6.54 -9.61
CA LEU A 20 7.08 7.41 -9.37
C LEU A 20 8.29 6.95 -10.17
N LEU A 21 8.70 7.78 -11.13
CA LEU A 21 9.84 7.45 -11.98
C LEU A 21 11.10 7.26 -11.14
N LYS A 22 11.59 8.36 -10.56
CA LYS A 22 12.79 8.31 -9.73
C LYS A 22 12.44 8.03 -8.28
N SER B 1 15.47 10.41 0.59
CA SER B 1 15.11 8.96 0.65
C SER B 1 14.15 8.68 1.80
N ASN B 2 12.85 8.59 1.47
CA ASN B 2 11.84 8.32 2.47
C ASN B 2 10.55 7.81 1.82
N PHE B 3 10.28 6.52 1.99
CA PHE B 3 9.09 5.91 1.41
C PHE B 3 8.02 5.72 2.47
N LEU B 4 6.85 6.30 2.23
CA LEU B 4 5.73 6.19 3.16
C LEU B 4 4.55 5.46 2.51
N ASN B 5 4.12 4.37 3.12
CA ASN B 5 3.01 3.58 2.60
C ASN B 5 2.23 2.93 3.74
N CYS B 6 1.09 3.50 4.11
CA CYS B 6 0.28 2.96 5.20
C CYS B 6 -1.19 3.31 5.03
N TYR B 7 -2.06 2.32 5.20
CA TYR B 7 -3.51 2.53 5.09
C TYR B 7 -4.22 1.94 6.31
N VAL B 8 -5.09 2.73 6.93
CA VAL B 8 -5.83 2.28 8.11
C VAL B 8 -7.32 2.52 7.96
N SER B 9 -8.10 1.44 8.00
CA SER B 9 -9.55 1.52 7.90
C SER B 9 -9.98 2.34 6.69
N GLY B 10 -11.29 2.47 6.50
CA GLY B 10 -11.82 3.24 5.37
C GLY B 10 -11.13 2.93 4.07
N PHE B 11 -11.71 2.00 3.30
CA PHE B 11 -11.14 1.61 2.02
C PHE B 11 -12.19 1.65 0.91
N HIS B 12 -13.38 1.12 1.21
CA HIS B 12 -14.46 1.09 0.23
C HIS B 12 -14.09 0.21 -0.97
N PRO B 13 -15.03 -0.62 -1.45
CA PRO B 13 -14.79 -1.51 -2.60
C PRO B 13 -14.22 -0.75 -3.79
N SER B 14 -12.89 -0.73 -3.91
CA SER B 14 -12.22 -0.04 -5.00
C SER B 14 -10.91 -0.72 -5.36
N ASP B 15 -10.09 -0.04 -6.16
CA ASP B 15 -8.80 -0.58 -6.57
C ASP B 15 -7.73 0.49 -6.59
N ILE B 16 -6.51 0.12 -6.20
CA ILE B 16 -5.39 1.06 -6.18
C ILE B 16 -4.08 0.33 -6.40
N GLU B 17 -3.13 0.98 -7.06
CA GLU B 17 -1.83 0.37 -7.33
C GLU B 17 -0.72 1.40 -7.22
N VAL B 18 0.32 1.07 -6.46
CA VAL B 18 1.46 1.95 -6.29
C VAL B 18 2.70 1.39 -6.98
N ASP B 19 3.24 2.17 -7.92
CA ASP B 19 4.42 1.75 -8.66
C ASP B 19 5.57 2.73 -8.43
N LEU B 20 6.42 2.41 -7.46
CA LEU B 20 7.57 3.26 -7.14
C LEU B 20 8.88 2.57 -7.54
N LEU B 21 9.59 3.19 -8.48
CA LEU B 21 10.86 2.65 -8.95
C LEU B 21 12.01 3.14 -8.09
N LYS B 22 12.76 2.20 -7.51
CA LYS B 22 13.89 2.55 -6.66
C LYS B 22 15.13 2.83 -7.50
N SER C 1 16.01 3.34 2.23
CA SER C 1 15.26 4.61 2.04
C SER C 1 14.04 4.69 2.93
N ASN C 2 14.09 4.00 4.07
CA ASN C 2 12.99 4.00 5.01
C ASN C 2 11.72 3.45 4.37
N PHE C 3 11.64 2.14 4.26
CA PHE C 3 10.47 1.49 3.66
C PHE C 3 9.40 1.24 4.72
N LEU C 4 8.36 2.08 4.71
CA LEU C 4 7.27 1.96 5.67
C LEU C 4 6.04 1.37 5.00
N ASN C 5 5.79 0.08 5.27
CA ASN C 5 4.64 -0.61 4.69
C ASN C 5 3.81 -1.28 5.78
N CYS C 6 2.57 -0.83 5.94
CA CYS C 6 1.68 -1.39 6.94
C CYS C 6 0.22 -1.10 6.62
N TYR C 7 -0.67 -1.92 7.16
CA TYR C 7 -2.10 -1.75 6.93
C TYR C 7 -2.90 -2.52 7.97
N VAL C 8 -4.06 -1.99 8.33
CA VAL C 8 -4.93 -2.62 9.31
C VAL C 8 -6.38 -2.63 8.85
N SER C 9 -6.91 -3.83 8.60
CA SER C 9 -8.29 -4.00 8.15
C SER C 9 -8.53 -5.42 7.63
N GLY C 10 -8.23 -5.64 6.36
CA GLY C 10 -8.42 -6.96 5.77
C GLY C 10 -9.57 -7.01 4.79
N PHE C 11 -10.77 -6.62 5.27
CA PHE C 11 -11.98 -6.62 4.44
C PHE C 11 -12.10 -7.89 3.59
N HIS C 12 -13.13 -7.95 2.76
CA HIS C 12 -13.36 -9.11 1.90
C HIS C 12 -12.87 -8.82 0.48
N PRO C 13 -13.46 -7.83 -0.21
CA PRO C 13 -13.07 -7.47 -1.57
C PRO C 13 -11.93 -6.45 -1.59
N SER C 14 -11.89 -5.63 -2.65
CA SER C 14 -10.85 -4.60 -2.80
C SER C 14 -9.60 -5.16 -3.47
N ASP C 15 -9.20 -4.52 -4.56
CA ASP C 15 -8.01 -4.93 -5.30
C ASP C 15 -6.92 -3.88 -5.18
N ILE C 16 -6.02 -4.07 -4.23
CA ILE C 16 -4.93 -3.12 -3.99
C ILE C 16 -3.60 -3.85 -3.83
N GLU C 17 -2.55 -3.26 -4.38
CA GLU C 17 -1.22 -3.86 -4.31
C GLU C 17 -0.13 -2.80 -4.47
N VAL C 18 0.87 -2.85 -3.60
CA VAL C 18 1.98 -1.90 -3.65
C VAL C 18 3.26 -2.60 -4.11
N ASP C 19 3.82 -2.14 -5.21
CA ASP C 19 5.04 -2.73 -5.74
C ASP C 19 6.14 -1.67 -5.92
N LEU C 20 7.31 -1.96 -5.37
CA LEU C 20 8.45 -1.04 -5.47
C LEU C 20 9.65 -1.75 -6.07
N LEU C 21 10.00 -1.37 -7.31
CA LEU C 21 11.13 -1.97 -8.00
C LEU C 21 10.89 -3.47 -8.24
N LYS C 22 11.02 -3.88 -9.49
CA LYS C 22 10.82 -5.28 -9.85
C LYS C 22 9.38 -5.71 -9.59
N SER D 1 16.11 -2.23 11.25
CA SER D 1 16.78 -2.79 10.04
C SER D 1 16.76 -1.79 8.88
N ASN D 2 15.59 -1.62 8.27
CA ASN D 2 15.46 -0.68 7.15
C ASN D 2 14.01 -0.62 6.65
N PHE D 3 13.32 -1.76 6.69
CA PHE D 3 11.93 -1.83 6.24
C PHE D 3 11.02 -2.29 7.38
N LEU D 4 9.71 -2.20 7.15
CA LEU D 4 8.74 -2.62 8.15
C LEU D 4 7.44 -3.06 7.50
N ASN D 5 7.17 -4.37 7.55
CA ASN D 5 5.96 -4.93 6.97
C ASN D 5 4.94 -5.23 8.06
N CYS D 6 4.46 -4.18 8.72
CA CYS D 6 3.48 -4.34 9.78
C CYS D 6 2.10 -4.66 9.21
N TYR D 7 1.72 -5.93 9.28
CA TYR D 7 0.44 -6.37 8.75
C TYR D 7 -0.52 -6.71 9.88
N VAL D 8 -1.73 -6.14 9.82
CA VAL D 8 -2.73 -6.39 10.84
C VAL D 8 -4.09 -6.70 10.21
N SER D 9 -4.21 -7.91 9.66
CA SER D 9 -5.44 -8.35 9.03
C SER D 9 -5.24 -9.72 8.37
N GLY D 10 -6.23 -10.60 8.53
CA GLY D 10 -6.13 -11.92 7.93
C GLY D 10 -5.77 -11.84 6.47
N PHE D 11 -6.79 -11.71 5.62
CA PHE D 11 -6.60 -11.60 4.17
C PHE D 11 -7.89 -11.88 3.43
N HIS D 12 -8.43 -13.07 3.60
CA HIS D 12 -9.68 -13.46 2.95
C HIS D 12 -9.55 -13.35 1.44
N PRO D 13 -10.48 -13.95 0.68
CA PRO D 13 -10.46 -13.91 -0.79
C PRO D 13 -10.51 -12.49 -1.33
N SER D 14 -9.38 -11.78 -1.23
CA SER D 14 -9.29 -10.40 -1.72
C SER D 14 -8.09 -10.25 -2.65
N ASP D 15 -7.68 -9.01 -2.89
CA ASP D 15 -6.54 -8.76 -3.77
C ASP D 15 -5.54 -7.80 -3.13
N ILE D 16 -5.24 -8.03 -1.85
CA ILE D 16 -4.29 -7.19 -1.13
C ILE D 16 -2.92 -7.87 -1.06
N GLU D 17 -1.92 -7.23 -1.65
CA GLU D 17 -0.56 -7.78 -1.65
C GLU D 17 0.49 -6.69 -1.65
N VAL D 18 1.72 -7.06 -1.28
CA VAL D 18 2.83 -6.12 -1.22
C VAL D 18 4.12 -6.76 -1.71
N ASP D 19 4.80 -6.08 -2.63
CA ASP D 19 6.06 -6.59 -3.17
C ASP D 19 7.12 -5.49 -3.24
N LEU D 20 8.13 -5.58 -2.37
CA LEU D 20 9.19 -4.60 -2.33
C LEU D 20 10.54 -5.24 -2.59
N LEU D 21 11.00 -5.18 -3.84
CA LEU D 21 12.28 -5.76 -4.23
C LEU D 21 12.30 -7.27 -3.97
N LYS D 22 12.57 -7.65 -2.72
CA LYS D 22 12.61 -9.06 -2.34
C LYS D 22 13.51 -9.85 -3.29
N SER A 1 13.25 10.72 -3.73
CA SER A 1 13.30 11.54 -2.49
C SER A 1 12.36 10.99 -1.41
N ASN A 2 12.06 11.81 -0.42
CA ASN A 2 11.19 11.39 0.67
C ASN A 2 9.79 11.05 0.14
N PHE A 3 9.23 9.96 0.64
CA PHE A 3 7.90 9.52 0.21
C PHE A 3 7.15 8.88 1.37
N LEU A 4 5.92 9.34 1.60
CA LEU A 4 5.09 8.80 2.67
C LEU A 4 3.62 8.83 2.31
N ASN A 5 3.17 7.80 1.58
CA ASN A 5 1.78 7.71 1.18
C ASN A 5 0.90 7.37 2.38
N CYS A 6 0.00 8.29 2.72
CA CYS A 6 -0.90 8.09 3.87
C CYS A 6 -2.35 7.97 3.42
N TYR A 7 -2.92 6.78 3.59
CA TYR A 7 -4.31 6.54 3.23
C TYR A 7 -5.10 6.13 4.48
N VAL A 8 -6.22 6.80 4.69
CA VAL A 8 -7.06 6.51 5.84
C VAL A 8 -8.51 6.26 5.42
N SER A 9 -8.79 5.05 4.94
CA SER A 9 -10.13 4.68 4.50
C SER A 9 -10.78 5.79 3.67
N GLY A 10 -10.67 5.67 2.35
CA GLY A 10 -11.27 6.68 1.48
C GLY A 10 -10.38 7.03 0.30
N PHE A 11 -11.01 7.15 -0.88
CA PHE A 11 -10.29 7.50 -2.10
C PHE A 11 -11.25 7.63 -3.29
N HIS A 12 -10.76 8.15 -4.39
CA HIS A 12 -11.58 8.33 -5.60
C HIS A 12 -12.14 6.99 -6.07
N PRO A 13 -12.99 7.00 -7.11
CA PRO A 13 -13.59 5.78 -7.65
C PRO A 13 -12.65 5.05 -8.58
N SER A 14 -13.07 3.87 -9.05
CA SER A 14 -12.25 3.07 -9.96
C SER A 14 -10.98 2.59 -9.27
N ASP A 15 -9.99 2.20 -10.05
CA ASP A 15 -8.73 1.71 -9.50
C ASP A 15 -7.62 2.74 -9.70
N ILE A 16 -7.06 3.23 -8.59
CA ILE A 16 -5.99 4.21 -8.64
C ILE A 16 -4.65 3.56 -8.95
N GLU A 17 -3.71 4.35 -9.44
CA GLU A 17 -2.38 3.83 -9.78
C GLU A 17 -1.30 4.87 -9.52
N VAL A 18 -1.19 5.31 -8.27
CA VAL A 18 -0.19 6.29 -7.89
C VAL A 18 1.20 5.71 -8.02
N ASP A 19 2.02 6.30 -8.88
CA ASP A 19 3.38 5.82 -9.10
C ASP A 19 4.37 6.97 -9.12
N LEU A 20 5.66 6.64 -8.94
CA LEU A 20 6.71 7.64 -8.94
C LEU A 20 8.04 7.03 -9.37
N LEU A 21 8.63 7.58 -10.42
CA LEU A 21 9.90 7.09 -10.94
C LEU A 21 9.76 5.66 -11.46
N LYS A 22 10.85 5.09 -11.93
CA LYS A 22 10.84 3.73 -12.46
C LYS A 22 10.26 2.76 -11.43
N SER B 1 13.66 2.60 1.86
CA SER B 1 14.42 3.88 1.75
C SER B 1 13.52 5.09 1.95
N ASN B 2 13.49 5.61 3.17
CA ASN B 2 12.67 6.77 3.50
C ASN B 2 11.27 6.67 2.88
N PHE B 3 10.66 5.50 3.03
CA PHE B 3 9.32 5.27 2.49
C PHE B 3 8.35 4.87 3.60
N LEU B 4 7.12 5.37 3.50
CA LEU B 4 6.09 5.07 4.49
C LEU B 4 4.71 5.00 3.84
N ASN B 5 4.10 3.83 3.88
CA ASN B 5 2.77 3.63 3.31
C ASN B 5 1.79 3.12 4.36
N CYS B 6 1.12 4.03 5.03
CA CYS B 6 0.16 3.67 6.07
C CYS B 6 -1.18 3.31 5.45
N TYR B 7 -1.61 2.06 5.63
CA TYR B 7 -2.87 1.59 5.10
C TYR B 7 -3.87 1.31 6.21
N VAL B 8 -4.84 2.21 6.36
CA VAL B 8 -5.88 2.06 7.38
C VAL B 8 -7.19 1.61 6.75
N SER B 9 -7.52 0.32 6.94
CA SER B 9 -8.75 -0.23 6.38
C SER B 9 -9.98 0.54 6.84
N GLY B 10 -11.14 0.08 6.42
CA GLY B 10 -12.39 0.73 6.79
C GLY B 10 -13.03 1.49 5.64
N PHE B 11 -13.17 0.81 4.51
CA PHE B 11 -13.78 1.43 3.33
C PHE B 11 -14.16 0.38 2.30
N HIS B 12 -15.05 0.76 1.38
CA HIS B 12 -15.50 -0.14 0.34
C HIS B 12 -15.82 0.62 -0.95
N PRO B 13 -14.88 1.43 -1.47
CA PRO B 13 -15.07 2.21 -2.68
C PRO B 13 -14.79 1.40 -3.94
N SER B 14 -13.52 1.11 -4.20
CA SER B 14 -13.13 0.34 -5.38
C SER B 14 -11.76 -0.32 -5.18
N ASP B 15 -10.79 0.02 -6.04
CA ASP B 15 -9.45 -0.56 -5.94
C ASP B 15 -8.39 0.53 -5.90
N ILE B 16 -7.18 0.16 -5.48
CA ILE B 16 -6.08 1.10 -5.39
C ILE B 16 -4.75 0.42 -5.73
N GLU B 17 -3.93 1.10 -6.52
CA GLU B 17 -2.64 0.55 -6.93
C GLU B 17 -1.52 1.57 -6.69
N VAL B 18 -0.34 1.06 -6.32
CA VAL B 18 0.81 1.92 -6.06
C VAL B 18 2.10 1.25 -6.55
N ASP B 19 2.99 2.04 -7.14
CA ASP B 19 4.26 1.52 -7.65
C ASP B 19 5.25 2.65 -7.87
N LEU B 20 6.37 2.61 -7.15
CA LEU B 20 7.38 3.64 -7.28
C LEU B 20 8.74 3.16 -6.79
N LEU B 21 9.70 4.08 -6.69
CA LEU B 21 11.04 3.76 -6.23
C LEU B 21 11.69 2.71 -7.13
N LYS B 22 13.02 2.60 -7.03
CA LYS B 22 13.76 1.63 -7.83
C LYS B 22 15.18 1.45 -7.29
N SER C 1 14.97 5.76 7.65
CA SER C 1 14.83 5.43 6.21
C SER C 1 14.61 3.93 6.00
N ASN C 2 13.39 3.56 5.66
CA ASN C 2 13.06 2.16 5.44
C ASN C 2 11.61 2.01 4.97
N PHE C 3 11.23 0.78 4.62
CA PHE C 3 9.88 0.50 4.15
C PHE C 3 8.95 0.24 5.33
N LEU C 4 8.06 1.20 5.60
CA LEU C 4 7.11 1.07 6.70
C LEU C 4 5.67 1.06 6.18
N ASN C 5 5.21 -0.11 5.75
CA ASN C 5 3.85 -0.24 5.23
C ASN C 5 2.92 -0.79 6.31
N CYS C 6 2.12 0.10 6.90
CA CYS C 6 1.18 -0.29 7.94
C CYS C 6 -0.09 -0.88 7.34
N TYR C 7 -0.34 -2.15 7.60
CA TYR C 7 -1.52 -2.83 7.08
C TYR C 7 -2.44 -3.28 8.21
N VAL C 8 -3.52 -2.53 8.41
CA VAL C 8 -4.48 -2.85 9.46
C VAL C 8 -5.83 -3.26 8.86
N SER C 9 -6.19 -4.52 9.06
CA SER C 9 -7.44 -5.06 8.54
C SER C 9 -8.63 -4.17 8.91
N GLY C 10 -9.81 -4.57 8.45
CA GLY C 10 -11.02 -3.81 8.73
C GLY C 10 -11.97 -3.78 7.54
N PHE C 11 -11.41 -3.85 6.35
CA PHE C 11 -12.19 -3.83 5.12
C PHE C 11 -12.53 -5.25 4.65
N HIS C 12 -12.93 -5.37 3.39
CA HIS C 12 -13.26 -6.67 2.81
C HIS C 12 -13.45 -6.56 1.30
N PRO C 13 -14.34 -5.66 0.84
CA PRO C 13 -14.61 -5.47 -0.57
C PRO C 13 -13.79 -4.32 -1.17
N SER C 14 -12.48 -4.51 -1.23
CA SER C 14 -11.58 -3.49 -1.80
C SER C 14 -10.26 -4.09 -2.23
N ASP C 15 -9.57 -3.41 -3.14
CA ASP C 15 -8.28 -3.86 -3.64
C ASP C 15 -7.16 -2.92 -3.20
N ILE C 16 -6.02 -3.50 -2.81
CA ILE C 16 -4.88 -2.71 -2.36
C ILE C 16 -3.57 -3.29 -2.90
N GLU C 17 -3.02 -2.63 -3.92
CA GLU C 17 -1.77 -3.08 -4.52
C GLU C 17 -0.69 -2.01 -4.36
N VAL C 18 0.47 -2.42 -3.85
CA VAL C 18 1.58 -1.48 -3.65
C VAL C 18 2.89 -2.07 -4.17
N ASP C 19 3.75 -1.20 -4.70
CA ASP C 19 5.03 -1.62 -5.23
C ASP C 19 6.13 -0.63 -4.86
N LEU C 20 7.35 -1.14 -4.70
CA LEU C 20 8.50 -0.31 -4.35
C LEU C 20 9.79 -0.91 -4.89
N LEU C 21 9.96 -0.81 -6.22
CA LEU C 21 11.15 -1.34 -6.90
C LEU C 21 10.86 -1.57 -8.37
N LYS C 22 11.81 -1.20 -9.23
CA LYS C 22 11.66 -1.38 -10.67
C LYS C 22 13.01 -1.44 -11.35
N SER D 1 16.99 -3.52 0.85
CA SER D 1 17.25 -2.56 1.95
C SER D 1 16.34 -2.82 3.13
N ASN D 2 16.24 -1.83 4.03
CA ASN D 2 15.38 -1.96 5.21
C ASN D 2 13.94 -2.26 4.81
N PHE D 3 13.37 -3.30 5.43
CA PHE D 3 12.00 -3.69 5.15
C PHE D 3 11.21 -3.86 6.44
N LEU D 4 9.95 -3.41 6.42
CA LEU D 4 9.08 -3.52 7.59
C LEU D 4 7.62 -3.47 7.17
N ASN D 5 7.01 -4.64 7.02
CA ASN D 5 5.61 -4.73 6.61
C ASN D 5 4.74 -5.21 7.77
N CYS D 6 3.73 -4.40 8.12
CA CYS D 6 2.83 -4.73 9.21
C CYS D 6 1.57 -5.40 8.66
N TYR D 7 1.75 -6.57 8.05
CA TYR D 7 0.63 -7.32 7.48
C TYR D 7 -0.22 -7.96 8.57
N VAL D 8 -0.98 -7.13 9.28
CA VAL D 8 -1.83 -7.62 10.35
C VAL D 8 -3.28 -7.76 9.88
N SER D 9 -3.66 -8.98 9.51
CA SER D 9 -5.01 -9.26 9.03
C SER D 9 -5.21 -10.75 8.81
N GLY D 10 -4.67 -11.26 7.71
CA GLY D 10 -4.80 -12.66 7.40
C GLY D 10 -4.68 -12.95 5.91
N PHE D 11 -5.15 -12.00 5.10
CA PHE D 11 -5.09 -12.15 3.65
C PHE D 11 -5.92 -13.34 3.19
N HIS D 12 -7.09 -13.06 2.62
CA HIS D 12 -7.98 -14.11 2.13
C HIS D 12 -9.17 -13.51 1.40
N PRO D 13 -10.04 -12.75 2.11
CA PRO D 13 -11.21 -12.14 1.51
C PRO D 13 -10.87 -11.05 0.49
N SER D 14 -10.45 -9.88 0.98
CA SER D 14 -10.10 -8.77 0.11
C SER D 14 -8.97 -9.15 -0.85
N ASP D 15 -8.55 -8.19 -1.67
CA ASP D 15 -7.48 -8.42 -2.61
C ASP D 15 -6.33 -7.44 -2.40
N ILE D 16 -5.22 -7.93 -1.88
CA ILE D 16 -4.07 -7.10 -1.62
C ILE D 16 -2.77 -7.83 -1.94
N GLU D 17 -1.69 -7.07 -2.11
CA GLU D 17 -0.39 -7.64 -2.43
C GLU D 17 0.71 -6.59 -2.30
N VAL D 18 1.74 -6.91 -1.51
CA VAL D 18 2.85 -5.99 -1.31
C VAL D 18 4.13 -6.53 -1.95
N ASP D 19 4.76 -5.69 -2.77
CA ASP D 19 5.99 -6.07 -3.45
C ASP D 19 6.98 -4.91 -3.47
N LEU D 20 7.95 -4.94 -2.55
CA LEU D 20 8.95 -3.89 -2.47
C LEU D 20 10.27 -4.36 -3.07
N LEU D 21 11.33 -3.57 -2.84
CA LEU D 21 12.65 -3.90 -3.37
C LEU D 21 13.22 -5.15 -2.70
N LYS D 22 12.58 -6.29 -2.97
CA LYS D 22 13.03 -7.56 -2.40
C LYS D 22 12.93 -7.54 -0.87
N SER A 1 14.58 11.43 1.61
CA SER A 1 13.22 11.83 1.14
C SER A 1 12.16 11.51 2.17
N ASN A 2 12.30 10.35 2.81
CA ASN A 2 11.34 9.93 3.83
C ASN A 2 9.94 9.79 3.25
N PHE A 3 9.82 8.97 2.20
CA PHE A 3 8.53 8.76 1.55
C PHE A 3 7.52 8.17 2.53
N LEU A 4 6.47 8.93 2.83
CA LEU A 4 5.44 8.49 3.75
C LEU A 4 4.06 8.53 3.09
N ASN A 5 3.60 7.39 2.60
CA ASN A 5 2.30 7.30 1.94
C ASN A 5 1.19 7.15 2.97
N CYS A 6 0.60 8.26 3.38
CA CYS A 6 -0.47 8.24 4.37
C CYS A 6 -1.84 8.11 3.69
N TYR A 7 -2.39 6.90 3.72
CA TYR A 7 -3.69 6.64 3.11
C TYR A 7 -4.75 6.44 4.18
N VAL A 8 -5.76 7.31 4.18
CA VAL A 8 -6.84 7.22 5.15
C VAL A 8 -8.19 7.08 4.46
N SER A 9 -8.58 5.83 4.16
CA SER A 9 -9.85 5.57 3.50
C SER A 9 -10.04 6.51 2.30
N GLY A 10 -11.27 6.54 1.77
CA GLY A 10 -11.56 7.40 0.64
C GLY A 10 -11.27 6.74 -0.70
N PHE A 11 -11.89 7.27 -1.76
CA PHE A 11 -11.70 6.75 -3.10
C PHE A 11 -12.57 7.50 -4.10
N HIS A 12 -11.93 8.23 -5.01
CA HIS A 12 -12.66 9.01 -6.00
C HIS A 12 -12.87 8.21 -7.29
N PRO A 13 -11.78 7.68 -7.89
CA PRO A 13 -11.85 6.90 -9.12
C PRO A 13 -12.21 5.43 -8.87
N SER A 14 -11.20 4.56 -8.83
CA SER A 14 -11.44 3.13 -8.60
C SER A 14 -10.13 2.35 -8.56
N ASP A 15 -9.31 2.53 -9.60
CA ASP A 15 -8.03 1.83 -9.69
C ASP A 15 -6.86 2.82 -9.64
N ILE A 16 -6.43 3.15 -8.43
CA ILE A 16 -5.33 4.08 -8.24
C ILE A 16 -4.67 3.85 -6.88
N GLU A 17 -3.76 4.76 -6.50
CA GLU A 17 -3.06 4.69 -5.21
C GLU A 17 -1.78 5.53 -5.25
N VAL A 18 -0.71 4.96 -5.80
CA VAL A 18 0.57 5.66 -5.90
C VAL A 18 1.24 5.38 -7.24
N ASP A 19 1.84 6.40 -7.83
CA ASP A 19 2.51 6.26 -9.12
C ASP A 19 3.60 7.33 -9.27
N LEU A 20 4.77 7.05 -8.72
CA LEU A 20 5.89 7.98 -8.80
C LEU A 20 6.69 7.75 -10.08
N LEU A 21 6.26 8.41 -11.16
CA LEU A 21 6.92 8.29 -12.47
C LEU A 21 7.51 6.91 -12.71
N LYS A 22 6.73 6.05 -13.37
CA LYS A 22 7.18 4.70 -13.67
C LYS A 22 7.88 4.64 -15.02
N SER B 1 14.93 4.91 -0.54
CA SER B 1 14.87 6.32 -0.04
C SER B 1 13.80 6.46 1.04
N ASN B 2 13.80 5.54 1.99
CA ASN B 2 12.83 5.56 3.08
C ASN B 2 11.40 5.44 2.54
N PHE B 3 10.92 4.20 2.43
CA PHE B 3 9.58 3.95 1.92
C PHE B 3 8.66 3.52 3.06
N LEU B 4 7.62 4.32 3.31
CA LEU B 4 6.66 4.03 4.37
C LEU B 4 5.23 4.15 3.87
N ASN B 5 4.65 3.02 3.48
CA ASN B 5 3.28 3.00 2.98
C ASN B 5 2.32 2.48 4.05
N CYS B 6 1.49 3.37 4.58
CA CYS B 6 0.53 3.00 5.61
C CYS B 6 -0.88 3.42 5.21
N TYR B 7 -1.82 2.47 5.28
CA TYR B 7 -3.20 2.76 4.92
C TYR B 7 -4.18 2.21 5.96
N VAL B 8 -5.36 2.81 6.01
CA VAL B 8 -6.39 2.38 6.95
C VAL B 8 -7.72 2.13 6.22
N SER B 9 -8.35 1.01 6.55
CA SER B 9 -9.62 0.63 5.93
C SER B 9 -10.59 1.80 5.86
N GLY B 10 -11.66 1.64 5.09
CA GLY B 10 -12.65 2.70 4.94
C GLY B 10 -13.35 2.66 3.61
N PHE B 11 -12.62 2.33 2.56
CA PHE B 11 -13.20 2.27 1.22
C PHE B 11 -13.74 0.87 0.92
N HIS B 12 -14.57 0.78 -0.12
CA HIS B 12 -15.16 -0.50 -0.51
C HIS B 12 -14.25 -1.25 -1.49
N PRO B 13 -14.59 -2.51 -1.81
CA PRO B 13 -13.80 -3.33 -2.73
C PRO B 13 -13.33 -2.56 -3.95
N SER B 14 -12.11 -2.02 -3.88
CA SER B 14 -11.55 -1.25 -4.98
C SER B 14 -10.21 -1.83 -5.41
N ASP B 15 -9.46 -1.05 -6.19
CA ASP B 15 -8.15 -1.49 -6.67
C ASP B 15 -7.06 -0.48 -6.30
N ILE B 16 -6.24 -0.85 -5.32
CA ILE B 16 -5.16 0.02 -4.87
C ILE B 16 -3.81 -0.54 -5.32
N GLU B 17 -3.12 0.22 -6.17
CA GLU B 17 -1.83 -0.22 -6.68
C GLU B 17 -0.75 0.85 -6.49
N VAL B 18 0.27 0.51 -5.71
CA VAL B 18 1.38 1.44 -5.45
C VAL B 18 2.53 1.19 -6.42
N ASP B 19 2.90 2.22 -7.16
CA ASP B 19 3.99 2.13 -8.13
C ASP B 19 5.02 3.23 -7.91
N LEU B 20 6.05 2.92 -7.14
CA LEU B 20 7.11 3.88 -6.84
C LEU B 20 8.39 3.55 -7.60
N LEU B 21 8.71 4.35 -8.61
CA LEU B 21 9.90 4.13 -9.42
C LEU B 21 10.92 5.25 -9.19
N LYS B 22 10.99 5.74 -7.97
CA LYS B 22 11.92 6.81 -7.62
C LYS B 22 11.89 7.09 -6.12
N SER C 1 17.90 2.18 2.75
CA SER C 1 16.66 1.46 2.31
C SER C 1 15.73 1.21 3.49
N ASN C 2 14.43 1.19 3.22
CA ASN C 2 13.44 0.96 4.26
C ASN C 2 12.05 0.75 3.65
N PHE C 3 11.48 -0.42 3.90
CA PHE C 3 10.15 -0.76 3.38
C PHE C 3 9.16 -0.93 4.53
N LEU C 4 8.21 0.01 4.62
CA LEU C 4 7.20 -0.04 5.67
C LEU C 4 5.79 -0.12 5.08
N ASN C 5 5.28 -1.34 4.96
CA ASN C 5 3.94 -1.56 4.42
C ASN C 5 2.99 -2.04 5.51
N CYS C 6 2.49 -1.09 6.30
CA CYS C 6 1.58 -1.42 7.40
C CYS C 6 0.16 -0.97 7.08
N TYR C 7 -0.82 -1.65 7.70
CA TYR C 7 -2.21 -1.32 7.50
C TYR C 7 -3.01 -1.61 8.77
N VAL C 8 -4.19 -1.00 8.88
CA VAL C 8 -5.05 -1.19 10.04
C VAL C 8 -6.43 -1.66 9.64
N SER C 9 -6.85 -2.79 10.21
CA SER C 9 -8.17 -3.36 9.92
C SER C 9 -8.27 -3.80 8.47
N GLY C 10 -9.47 -4.20 8.06
CA GLY C 10 -9.68 -4.65 6.69
C GLY C 10 -10.74 -3.84 5.97
N PHE C 11 -10.88 -4.09 4.67
CA PHE C 11 -11.86 -3.38 3.86
C PHE C 11 -12.47 -4.29 2.80
N HIS C 12 -13.12 -5.37 3.24
CA HIS C 12 -13.73 -6.30 2.32
C HIS C 12 -12.69 -6.90 1.37
N PRO C 13 -13.03 -8.00 0.66
CA PRO C 13 -12.10 -8.64 -0.27
C PRO C 13 -11.73 -7.74 -1.44
N SER C 14 -10.81 -6.81 -1.22
CA SER C 14 -10.37 -5.89 -2.25
C SER C 14 -9.09 -6.38 -2.92
N ASP C 15 -8.46 -5.50 -3.69
CA ASP C 15 -7.22 -5.84 -4.39
C ASP C 15 -6.15 -4.80 -4.12
N ILE C 16 -4.97 -5.25 -3.71
CA ILE C 16 -3.86 -4.35 -3.42
C ILE C 16 -2.60 -4.76 -4.16
N GLU C 17 -2.09 -3.87 -5.02
CA GLU C 17 -0.88 -4.14 -5.78
C GLU C 17 0.27 -3.27 -5.30
N VAL C 18 0.86 -3.65 -4.17
CA VAL C 18 1.96 -2.90 -3.60
C VAL C 18 3.28 -3.21 -4.31
N ASP C 19 3.94 -2.16 -4.81
CA ASP C 19 5.20 -2.33 -5.51
C ASP C 19 6.09 -1.10 -5.33
N LEU C 20 7.27 -1.31 -4.76
CA LEU C 20 8.21 -0.21 -4.54
C LEU C 20 9.63 -0.63 -4.91
N LEU C 21 10.36 0.30 -5.52
CA LEU C 21 11.74 0.04 -5.93
C LEU C 21 12.71 0.38 -4.81
N LYS C 22 12.81 1.66 -4.48
CA LYS C 22 13.70 2.13 -3.42
C LYS C 22 12.97 3.07 -2.47
N SER D 1 18.06 -3.92 3.98
CA SER D 1 16.72 -4.52 3.74
C SER D 1 15.64 -3.81 4.54
N ASN D 2 15.63 -4.06 5.85
CA ASN D 2 14.64 -3.44 6.74
C ASN D 2 13.22 -3.73 6.27
N PHE D 3 12.62 -4.75 6.87
CA PHE D 3 11.25 -5.14 6.51
C PHE D 3 10.29 -4.89 7.66
N LEU D 4 9.20 -4.19 7.37
CA LEU D 4 8.19 -3.89 8.39
C LEU D 4 6.83 -3.64 7.75
N ASN D 5 6.07 -4.71 7.56
CA ASN D 5 4.74 -4.60 6.95
C ASN D 5 3.66 -5.22 7.85
N CYS D 6 2.54 -5.60 7.24
CA CYS D 6 1.43 -6.21 7.96
C CYS D 6 0.99 -5.30 9.10
N TYR D 7 1.68 -5.40 10.22
CA TYR D 7 1.40 -4.55 11.36
C TYR D 7 0.04 -4.84 11.99
N VAL D 8 -0.99 -4.10 11.58
CA VAL D 8 -2.32 -4.30 12.13
C VAL D 8 -3.24 -4.94 11.09
N SER D 9 -2.91 -6.17 10.69
CA SER D 9 -3.70 -6.90 9.71
C SER D 9 -5.13 -7.12 10.21
N GLY D 10 -5.83 -8.05 9.55
CA GLY D 10 -7.21 -8.33 9.92
C GLY D 10 -8.19 -7.93 8.84
N PHE D 11 -8.00 -8.50 7.65
CA PHE D 11 -8.87 -8.19 6.52
C PHE D 11 -9.36 -9.46 5.83
N HIS D 12 -10.40 -9.31 5.01
CA HIS D 12 -10.97 -10.44 4.30
C HIS D 12 -10.09 -10.81 3.11
N PRO D 13 -10.36 -11.95 2.45
CA PRO D 13 -9.57 -12.40 1.30
C PRO D 13 -9.46 -11.33 0.22
N SER D 14 -8.43 -10.49 0.35
CA SER D 14 -8.20 -9.42 -0.62
C SER D 14 -6.94 -9.68 -1.44
N ASP D 15 -7.10 -9.78 -2.75
CA ASP D 15 -5.98 -10.03 -3.65
C ASP D 15 -4.88 -9.00 -3.43
N ILE D 16 -3.89 -9.36 -2.63
CA ILE D 16 -2.77 -8.46 -2.34
C ILE D 16 -1.47 -8.97 -2.96
N GLU D 17 -0.83 -8.12 -3.76
CA GLU D 17 0.42 -8.46 -4.41
C GLU D 17 1.56 -7.62 -3.85
N VAL D 18 2.43 -8.25 -3.07
CA VAL D 18 3.56 -7.55 -2.46
C VAL D 18 4.81 -7.69 -3.32
N ASP D 19 5.47 -6.56 -3.59
CA ASP D 19 6.68 -6.54 -4.39
C ASP D 19 7.75 -5.67 -3.73
N LEU D 20 8.59 -6.29 -2.92
CA LEU D 20 9.66 -5.58 -2.23
C LEU D 20 10.92 -5.51 -3.08
N LEU D 21 10.94 -4.58 -4.03
CA LEU D 21 12.08 -4.41 -4.92
C LEU D 21 12.35 -5.69 -5.71
N LYS D 22 12.12 -5.62 -7.02
CA LYS D 22 12.33 -6.77 -7.89
C LYS D 22 12.92 -6.32 -9.24
N SER A 1 15.84 8.55 -1.30
CA SER A 1 14.54 9.22 -1.54
C SER A 1 13.76 9.37 -0.23
N ASN A 2 12.47 9.69 -0.34
CA ASN A 2 11.62 9.85 0.83
C ASN A 2 10.18 10.12 0.41
N PHE A 3 9.41 9.06 0.20
CA PHE A 3 8.02 9.18 -0.21
C PHE A 3 7.09 8.75 0.93
N LEU A 4 5.83 9.19 0.85
CA LEU A 4 4.85 8.86 1.89
C LEU A 4 3.46 8.67 1.29
N ASN A 5 2.72 7.72 1.83
CA ASN A 5 1.37 7.43 1.37
C ASN A 5 0.58 6.68 2.44
N CYS A 6 -0.47 7.32 2.96
CA CYS A 6 -1.30 6.72 3.99
C CYS A 6 -2.76 6.74 3.61
N TYR A 7 -3.49 5.70 4.03
CA TYR A 7 -4.92 5.59 3.73
C TYR A 7 -5.71 5.46 5.03
N VAL A 8 -6.82 6.20 5.12
CA VAL A 8 -7.65 6.16 6.32
C VAL A 8 -9.13 6.30 5.97
N SER A 9 -9.93 5.35 6.42
CA SER A 9 -11.37 5.38 6.17
C SER A 9 -11.66 5.17 4.69
N GLY A 10 -12.86 5.56 4.26
CA GLY A 10 -13.24 5.41 2.86
C GLY A 10 -12.36 6.20 1.92
N PHE A 11 -12.98 6.91 0.98
CA PHE A 11 -12.24 7.70 0.00
C PHE A 11 -13.19 8.49 -0.89
N HIS A 12 -12.65 9.00 -2.00
CA HIS A 12 -13.45 9.77 -2.95
C HIS A 12 -13.47 9.12 -4.33
N PRO A 13 -12.34 9.13 -5.06
CA PRO A 13 -12.27 8.53 -6.40
C PRO A 13 -12.63 7.05 -6.39
N SER A 14 -12.30 6.35 -7.47
CA SER A 14 -12.58 4.93 -7.57
C SER A 14 -11.35 4.15 -8.01
N ASP A 15 -10.88 4.44 -9.22
CA ASP A 15 -9.70 3.77 -9.77
C ASP A 15 -8.46 4.63 -9.57
N ILE A 16 -7.71 4.35 -8.51
CA ILE A 16 -6.49 5.10 -8.20
C ILE A 16 -5.26 4.37 -8.72
N GLU A 17 -4.25 5.14 -9.13
CA GLU A 17 -3.01 4.58 -9.64
C GLU A 17 -1.84 5.50 -9.34
N VAL A 18 -0.85 4.98 -8.62
CA VAL A 18 0.32 5.77 -8.27
C VAL A 18 1.55 5.31 -9.06
N ASP A 19 2.24 6.27 -9.67
CA ASP A 19 3.43 5.96 -10.45
C ASP A 19 4.46 7.08 -10.34
N LEU A 20 5.33 6.97 -9.34
CA LEU A 20 6.36 7.98 -9.12
C LEU A 20 7.75 7.43 -9.44
N LEU A 21 8.49 8.15 -10.27
CA LEU A 21 9.83 7.73 -10.66
C LEU A 21 10.80 8.91 -10.60
N LYS A 22 12.01 8.70 -11.11
CA LYS A 22 13.02 9.76 -11.12
C LYS A 22 13.36 10.20 -9.69
N SER B 1 13.51 0.26 -2.30
CA SER B 1 12.49 0.82 -1.37
C SER B 1 13.00 2.06 -0.66
N ASN B 2 12.10 2.99 -0.37
CA ASN B 2 12.46 4.23 0.31
C ASN B 2 11.22 5.07 0.59
N PHE B 3 10.25 4.49 1.27
CA PHE B 3 9.02 5.21 1.59
C PHE B 3 8.16 4.43 2.59
N LEU B 4 7.27 5.15 3.27
CA LEU B 4 6.40 4.53 4.27
C LEU B 4 4.96 4.43 3.76
N ASN B 5 4.46 3.21 3.67
CA ASN B 5 3.10 2.96 3.21
C ASN B 5 2.16 2.77 4.40
N CYS B 6 0.87 3.04 4.21
CA CYS B 6 -0.11 2.89 5.27
C CYS B 6 -1.53 2.85 4.71
N TYR B 7 -2.44 2.19 5.45
CA TYR B 7 -3.83 2.10 5.03
C TYR B 7 -4.67 1.38 6.08
N VAL B 8 -5.74 2.03 6.52
CA VAL B 8 -6.63 1.46 7.53
C VAL B 8 -8.09 1.49 7.07
N SER B 9 -8.74 0.34 7.15
CA SER B 9 -10.15 0.22 6.74
C SER B 9 -10.29 0.25 5.22
N GLY B 10 -11.27 -0.48 4.71
CA GLY B 10 -11.49 -0.52 3.27
C GLY B 10 -12.13 0.75 2.75
N PHE B 11 -12.94 0.62 1.70
CA PHE B 11 -13.60 1.78 1.10
C PHE B 11 -14.49 1.36 -0.08
N HIS B 12 -15.15 0.22 0.05
CA HIS B 12 -16.03 -0.27 -1.01
C HIS B 12 -15.24 -0.50 -2.30
N PRO B 13 -15.91 -0.98 -3.37
CA PRO B 13 -15.26 -1.24 -4.66
C PRO B 13 -14.31 -0.13 -5.07
N SER B 14 -13.07 -0.50 -5.37
CA SER B 14 -12.04 0.45 -5.78
C SER B 14 -10.72 -0.25 -6.05
N ASP B 15 -9.95 0.29 -6.99
CA ASP B 15 -8.66 -0.31 -7.34
C ASP B 15 -7.52 0.69 -7.11
N ILE B 16 -6.45 0.21 -6.51
CA ILE B 16 -5.28 1.05 -6.24
C ILE B 16 -3.99 0.31 -6.58
N GLU B 17 -3.31 0.79 -7.62
CA GLU B 17 -2.06 0.18 -8.06
C GLU B 17 -0.88 1.06 -7.70
N VAL B 18 -0.41 0.96 -6.47
CA VAL B 18 0.72 1.75 -6.01
C VAL B 18 2.02 1.26 -6.61
N ASP B 19 2.70 2.12 -7.34
CA ASP B 19 3.97 1.77 -7.97
C ASP B 19 4.98 2.89 -7.79
N LEU B 20 6.00 2.63 -6.97
CA LEU B 20 7.03 3.63 -6.72
C LEU B 20 8.43 3.02 -6.84
N LEU B 21 9.36 3.81 -7.38
CA LEU B 21 10.74 3.36 -7.55
C LEU B 21 10.82 2.33 -8.67
N LYS B 22 11.83 2.47 -9.52
CA LYS B 22 12.03 1.56 -10.64
C LYS B 22 13.46 1.64 -11.17
N SER C 1 17.79 1.15 2.30
CA SER C 1 16.39 1.17 1.80
C SER C 1 15.39 1.01 2.94
N ASN C 2 14.75 2.10 3.32
CA ASN C 2 13.77 2.07 4.41
C ASN C 2 12.35 1.88 3.86
N PHE C 3 11.67 0.85 4.35
CA PHE C 3 10.31 0.56 3.92
C PHE C 3 9.39 0.35 5.12
N LEU C 4 8.22 0.94 5.07
CA LEU C 4 7.23 0.81 6.14
C LEU C 4 5.87 0.42 5.60
N ASN C 5 5.29 -0.63 6.16
CA ASN C 5 3.98 -1.11 5.73
C ASN C 5 3.06 -1.29 6.93
N CYS C 6 2.25 -0.28 7.23
CA CYS C 6 1.35 -0.33 8.36
C CYS C 6 -0.11 -0.25 7.92
N TYR C 7 -0.80 -1.38 7.94
CA TYR C 7 -2.21 -1.44 7.57
C TYR C 7 -2.96 -2.31 8.57
N VAL C 8 -4.26 -2.05 8.72
CA VAL C 8 -5.06 -2.80 9.68
C VAL C 8 -6.53 -2.41 9.63
N SER C 9 -7.39 -3.28 10.17
CA SER C 9 -8.85 -3.07 10.24
C SER C 9 -9.61 -3.90 9.23
N GLY C 10 -9.83 -5.18 9.55
CA GLY C 10 -10.58 -6.07 8.68
C GLY C 10 -9.91 -6.32 7.34
N PHE C 11 -9.77 -5.27 6.54
CA PHE C 11 -9.16 -5.38 5.22
C PHE C 11 -10.16 -5.93 4.22
N HIS C 12 -11.07 -5.06 3.76
CA HIS C 12 -12.07 -5.46 2.79
C HIS C 12 -12.31 -4.37 1.74
N PRO C 13 -11.23 -3.69 1.30
CA PRO C 13 -11.34 -2.62 0.30
C PRO C 13 -11.72 -3.16 -1.08
N SER C 14 -10.75 -3.73 -1.78
CA SER C 14 -10.99 -4.28 -3.11
C SER C 14 -9.67 -4.75 -3.74
N ASP C 15 -8.91 -3.80 -4.28
CA ASP C 15 -7.63 -4.12 -4.91
C ASP C 15 -6.55 -3.15 -4.46
N ILE C 16 -5.38 -3.69 -4.12
CA ILE C 16 -4.26 -2.87 -3.68
C ILE C 16 -2.92 -3.53 -4.01
N GLU C 17 -2.23 -2.99 -5.01
CA GLU C 17 -0.94 -3.52 -5.43
C GLU C 17 0.20 -2.61 -5.00
N VAL C 18 0.90 -3.00 -3.94
CA VAL C 18 2.01 -2.22 -3.44
C VAL C 18 3.32 -2.65 -4.08
N ASP C 19 4.03 -1.70 -4.69
CA ASP C 19 5.29 -2.00 -5.35
C ASP C 19 6.39 -1.04 -4.87
N LEU C 20 7.52 -1.60 -4.48
CA LEU C 20 8.65 -0.81 -4.00
C LEU C 20 9.96 -1.38 -4.53
N LEU C 21 10.47 -0.79 -5.60
CA LEU C 21 11.72 -1.25 -6.21
C LEU C 21 12.91 -0.48 -5.68
N LYS C 22 13.30 0.60 -6.37
CA LYS C 22 14.44 1.41 -5.95
C LYS C 22 14.73 2.51 -6.99
N SER D 1 18.28 -0.55 5.72
CA SER D 1 17.52 -1.83 5.61
C SER D 1 16.37 -1.88 6.61
N ASN D 2 15.83 -0.71 6.95
CA ASN D 2 14.74 -0.63 7.91
C ASN D 2 13.45 -1.17 7.31
N PHE D 3 13.06 -2.38 7.72
CA PHE D 3 11.85 -3.01 7.22
C PHE D 3 10.86 -3.25 8.36
N LEU D 4 9.64 -2.73 8.19
CA LEU D 4 8.60 -2.90 9.19
C LEU D 4 7.23 -3.06 8.54
N ASN D 5 6.82 -4.31 8.36
CA ASN D 5 5.53 -4.60 7.74
C ASN D 5 4.48 -4.96 8.79
N CYS D 6 3.93 -3.92 9.43
CA CYS D 6 2.90 -4.13 10.45
C CYS D 6 1.59 -4.53 9.81
N TYR D 7 1.21 -5.80 10.01
CA TYR D 7 -0.04 -6.31 9.44
C TYR D 7 -1.00 -6.77 10.53
N VAL D 8 -2.17 -6.15 10.59
CA VAL D 8 -3.17 -6.52 11.59
C VAL D 8 -4.55 -6.68 10.95
N SER D 9 -4.82 -7.88 10.45
CA SER D 9 -6.09 -8.19 9.80
C SER D 9 -6.04 -9.53 9.09
N GLY D 10 -5.03 -9.70 8.25
CA GLY D 10 -4.87 -10.95 7.51
C GLY D 10 -4.21 -10.73 6.16
N PHE D 11 -4.49 -11.64 5.22
CA PHE D 11 -3.91 -11.55 3.89
C PHE D 11 -4.43 -12.65 2.99
N HIS D 12 -5.56 -12.39 2.32
CA HIS D 12 -6.16 -13.37 1.42
C HIS D 12 -7.49 -12.84 0.86
N PRO D 13 -8.45 -12.50 1.73
CA PRO D 13 -9.76 -12.00 1.30
C PRO D 13 -9.67 -10.59 0.70
N SER D 14 -8.94 -10.48 -0.41
CA SER D 14 -8.77 -9.19 -1.08
C SER D 14 -7.87 -9.33 -2.31
N ASP D 15 -7.98 -8.37 -3.22
CA ASP D 15 -7.17 -8.38 -4.44
C ASP D 15 -5.92 -7.51 -4.26
N ILE D 16 -5.10 -7.85 -3.29
CA ILE D 16 -3.87 -7.10 -3.02
C ILE D 16 -2.63 -7.98 -3.15
N GLU D 17 -1.47 -7.39 -2.93
CA GLU D 17 -0.21 -8.13 -3.03
C GLU D 17 0.97 -7.24 -2.63
N VAL D 18 1.98 -7.85 -2.01
CA VAL D 18 3.17 -7.13 -1.58
C VAL D 18 4.39 -7.58 -2.38
N ASP D 19 4.98 -6.66 -3.13
CA ASP D 19 6.15 -6.96 -3.93
C ASP D 19 7.17 -5.82 -3.84
N LEU D 20 8.30 -6.09 -3.20
CA LEU D 20 9.34 -5.09 -3.04
C LEU D 20 10.61 -5.69 -2.44
N LEU D 21 11.65 -4.87 -2.34
CA LEU D 21 12.92 -5.30 -1.78
C LEU D 21 13.46 -6.52 -2.52
N LYS D 22 14.24 -6.27 -3.57
CA LYS D 22 14.81 -7.36 -4.36
C LYS D 22 15.64 -6.80 -5.51
N SER A 1 14.15 9.07 -1.61
CA SER A 1 14.81 10.12 -0.79
C SER A 1 13.82 10.75 0.19
N ASN A 2 12.57 10.81 -0.20
CA ASN A 2 11.52 11.39 0.64
C ASN A 2 10.15 11.28 -0.03
N PHE A 3 9.51 10.13 0.15
CA PHE A 3 8.19 9.90 -0.43
C PHE A 3 7.19 9.44 0.63
N LEU A 4 6.24 10.32 0.95
CA LEU A 4 5.22 10.01 1.94
C LEU A 4 3.87 9.78 1.28
N ASN A 5 3.34 8.57 1.43
CA ASN A 5 2.05 8.22 0.84
C ASN A 5 1.14 7.59 1.89
N CYS A 6 0.72 8.40 2.87
CA CYS A 6 -0.15 7.93 3.93
C CYS A 6 -1.61 8.12 3.54
N TYR A 7 -2.35 7.01 3.45
CA TYR A 7 -3.76 7.07 3.08
C TYR A 7 -4.63 6.46 4.19
N VAL A 8 -5.69 7.18 4.54
CA VAL A 8 -6.61 6.75 5.59
C VAL A 8 -8.05 7.09 5.24
N SER A 9 -8.99 6.48 5.96
CA SER A 9 -10.42 6.72 5.75
C SER A 9 -10.94 5.97 4.52
N GLY A 10 -12.13 6.34 4.07
CA GLY A 10 -12.73 5.69 2.91
C GLY A 10 -12.18 6.22 1.61
N PHE A 11 -12.89 5.92 0.52
CA PHE A 11 -12.47 6.36 -0.81
C PHE A 11 -13.64 7.02 -1.56
N HIS A 12 -13.55 7.04 -2.88
CA HIS A 12 -14.59 7.64 -3.70
C HIS A 12 -14.31 7.42 -5.18
N PRO A 13 -13.17 7.94 -5.68
CA PRO A 13 -12.79 7.79 -7.09
C PRO A 13 -12.55 6.33 -7.47
N SER A 14 -12.24 5.51 -6.47
CA SER A 14 -11.99 4.08 -6.70
C SER A 14 -10.67 3.86 -7.44
N ASP A 15 -10.61 4.35 -8.68
CA ASP A 15 -9.42 4.20 -9.49
C ASP A 15 -8.34 5.20 -9.07
N ILE A 16 -7.14 4.69 -8.81
CA ILE A 16 -6.03 5.54 -8.40
C ILE A 16 -4.69 4.87 -8.66
N GLU A 17 -3.73 5.64 -9.14
CA GLU A 17 -2.40 5.12 -9.44
C GLU A 17 -1.32 6.10 -9.03
N VAL A 18 -0.24 5.58 -8.42
CA VAL A 18 0.86 6.42 -7.97
C VAL A 18 2.14 6.08 -8.74
N ASP A 19 2.74 7.10 -9.34
CA ASP A 19 3.96 6.92 -10.11
C ASP A 19 5.15 7.62 -9.45
N LEU A 20 6.26 6.91 -9.32
CA LEU A 20 7.45 7.46 -8.69
C LEU A 20 8.64 6.52 -8.89
N LEU A 21 8.69 5.87 -10.05
CA LEU A 21 9.78 4.94 -10.37
C LEU A 21 10.80 5.59 -11.29
N LYS A 22 10.35 5.99 -12.48
CA LYS A 22 11.23 6.63 -13.46
C LYS A 22 12.38 5.70 -13.83
N SER B 1 12.72 8.81 5.56
CA SER B 1 11.39 8.21 5.28
C SER B 1 11.47 7.23 4.12
N ASN B 2 11.95 7.71 2.98
CA ASN B 2 12.09 6.90 1.79
C ASN B 2 10.72 6.45 1.25
N PHE B 3 10.22 5.31 1.73
CA PHE B 3 8.93 4.80 1.27
C PHE B 3 8.00 4.54 2.46
N LEU B 4 7.01 5.42 2.65
CA LEU B 4 6.07 5.28 3.75
C LEU B 4 4.65 5.05 3.24
N ASN B 5 4.28 3.79 3.06
CA ASN B 5 2.95 3.44 2.57
C ASN B 5 2.03 3.09 3.75
N CYS B 6 1.05 3.95 4.00
CA CYS B 6 0.11 3.74 5.09
C CYS B 6 -1.30 3.46 4.56
N TYR B 7 -2.01 2.55 5.24
CA TYR B 7 -3.36 2.20 4.83
C TYR B 7 -4.19 1.80 6.06
N VAL B 8 -5.05 2.72 6.49
CA VAL B 8 -5.92 2.46 7.64
C VAL B 8 -7.38 2.74 7.32
N SER B 9 -8.25 1.83 7.75
CA SER B 9 -9.68 1.96 7.51
C SER B 9 -10.02 1.58 6.06
N GLY B 10 -10.27 0.29 5.84
CA GLY B 10 -10.60 -0.17 4.51
C GLY B 10 -11.84 0.50 3.95
N PHE B 11 -12.29 0.04 2.78
CA PHE B 11 -13.48 0.60 2.14
C PHE B 11 -14.01 -0.35 1.07
N HIS B 12 -15.01 0.12 0.33
CA HIS B 12 -15.60 -0.68 -0.74
C HIS B 12 -14.55 -1.05 -1.79
N PRO B 13 -14.83 -2.07 -2.62
CA PRO B 13 -13.90 -2.52 -3.66
C PRO B 13 -13.34 -1.35 -4.49
N SER B 14 -12.05 -1.11 -4.34
CA SER B 14 -11.38 -0.03 -5.07
C SER B 14 -10.08 -0.52 -5.68
N ASP B 15 -9.59 0.19 -6.69
CA ASP B 15 -8.34 -0.17 -7.35
C ASP B 15 -7.22 0.80 -6.98
N ILE B 16 -6.31 0.34 -6.14
CA ILE B 16 -5.18 1.15 -5.71
C ILE B 16 -3.86 0.50 -6.09
N GLU B 17 -3.08 1.19 -6.91
CA GLU B 17 -1.78 0.65 -7.34
C GLU B 17 -0.68 1.69 -7.18
N VAL B 18 0.48 1.24 -6.71
CA VAL B 18 1.62 2.13 -6.52
C VAL B 18 2.90 1.51 -7.07
N ASP B 19 3.50 2.19 -8.04
CA ASP B 19 4.73 1.72 -8.67
C ASP B 19 5.84 2.75 -8.54
N LEU B 20 6.79 2.50 -7.63
CA LEU B 20 7.89 3.41 -7.40
C LEU B 20 9.22 2.66 -7.35
N LEU B 21 10.31 3.41 -7.21
CA LEU B 21 11.64 2.82 -7.14
C LEU B 21 12.47 3.46 -6.04
N LYS B 22 12.48 4.79 -6.02
CA LYS B 22 13.23 5.53 -5.00
C LYS B 22 12.52 5.48 -3.65
N SER C 1 15.57 -0.88 3.02
CA SER C 1 15.66 0.46 2.37
C SER C 1 14.55 1.39 2.84
N ASN C 2 14.28 1.37 4.15
CA ASN C 2 13.25 2.20 4.74
C ASN C 2 11.88 1.90 4.10
N PHE C 3 11.42 0.67 4.28
CA PHE C 3 10.13 0.24 3.73
C PHE C 3 9.09 0.14 4.84
N LEU C 4 8.02 0.92 4.72
CA LEU C 4 6.95 0.93 5.70
C LEU C 4 5.60 0.64 5.07
N ASN C 5 5.05 -0.54 5.35
CA ASN C 5 3.76 -0.94 4.82
C ASN C 5 2.85 -1.42 5.94
N CYS C 6 1.91 -0.57 6.35
CA CYS C 6 0.99 -0.91 7.43
C CYS C 6 -0.45 -0.96 6.95
N TYR C 7 -1.17 -2.01 7.35
CA TYR C 7 -2.57 -2.17 6.98
C TYR C 7 -3.40 -2.63 8.17
N VAL C 8 -4.46 -1.88 8.47
CA VAL C 8 -5.34 -2.20 9.58
C VAL C 8 -6.81 -2.15 9.16
N SER C 9 -7.53 -3.26 9.34
CA SER C 9 -8.94 -3.33 8.98
C SER C 9 -9.43 -4.77 8.95
N GLY C 10 -9.20 -5.45 7.83
CA GLY C 10 -9.63 -6.84 7.69
C GLY C 10 -9.27 -7.42 6.34
N PHE C 11 -9.38 -6.58 5.31
CA PHE C 11 -9.05 -7.00 3.94
C PHE C 11 -10.01 -8.07 3.44
N HIS C 12 -10.60 -7.84 2.27
CA HIS C 12 -11.53 -8.78 1.66
C HIS C 12 -12.09 -8.23 0.35
N PRO C 13 -12.60 -6.98 0.36
CA PRO C 13 -13.18 -6.36 -0.82
C PRO C 13 -12.17 -5.53 -1.62
N SER C 14 -11.50 -4.59 -0.95
CA SER C 14 -10.52 -3.73 -1.59
C SER C 14 -9.47 -4.53 -2.34
N ASP C 15 -8.82 -3.88 -3.30
CA ASP C 15 -7.79 -4.52 -4.10
C ASP C 15 -6.63 -3.56 -4.35
N ILE C 16 -5.55 -3.72 -3.57
CA ILE C 16 -4.39 -2.85 -3.71
C ILE C 16 -3.17 -3.64 -4.17
N GLU C 17 -2.34 -3.00 -5.00
CA GLU C 17 -1.15 -3.64 -5.52
C GLU C 17 0.05 -2.68 -5.48
N VAL C 18 0.69 -2.61 -4.32
CA VAL C 18 1.86 -1.75 -4.13
C VAL C 18 3.12 -2.48 -4.58
N ASP C 19 3.81 -1.91 -5.57
CA ASP C 19 5.03 -2.51 -6.10
C ASP C 19 6.22 -1.58 -5.91
N LEU C 20 7.26 -2.09 -5.25
CA LEU C 20 8.48 -1.31 -5.01
C LEU C 20 9.67 -1.94 -5.72
N LEU C 21 10.44 -1.12 -6.43
CA LEU C 21 11.62 -1.59 -7.14
C LEU C 21 11.24 -2.65 -8.18
N LYS C 22 12.24 -3.17 -8.88
CA LYS C 22 12.02 -4.19 -9.89
C LYS C 22 13.34 -4.66 -10.50
N SER D 1 14.19 -4.17 10.80
CA SER D 1 14.83 -4.78 9.60
C SER D 1 14.35 -4.09 8.32
N ASN D 2 14.19 -2.78 8.40
CA ASN D 2 13.74 -1.98 7.25
C ASN D 2 12.43 -2.51 6.68
N PHE D 3 11.71 -3.32 7.46
CA PHE D 3 10.45 -3.88 7.01
C PHE D 3 9.41 -3.83 8.13
N LEU D 4 8.62 -2.78 8.16
CA LEU D 4 7.59 -2.61 9.17
C LEU D 4 6.22 -2.97 8.60
N ASN D 5 5.81 -4.21 8.79
CA ASN D 5 4.52 -4.69 8.29
C ASN D 5 3.48 -4.70 9.41
N CYS D 6 2.56 -3.74 9.37
CA CYS D 6 1.51 -3.64 10.38
C CYS D 6 0.37 -4.61 10.04
N TYR D 7 0.64 -5.90 10.15
CA TYR D 7 -0.36 -6.92 9.85
C TYR D 7 -1.42 -7.01 10.95
N VAL D 8 -2.38 -6.09 10.92
CA VAL D 8 -3.45 -6.07 11.90
C VAL D 8 -4.81 -6.16 11.22
N SER D 9 -5.23 -7.38 10.91
CA SER D 9 -6.52 -7.61 10.26
C SER D 9 -6.74 -9.10 10.01
N GLY D 10 -5.94 -9.66 9.10
CA GLY D 10 -6.06 -11.07 8.78
C GLY D 10 -5.13 -11.49 7.66
N PHE D 11 -5.21 -10.76 6.53
CA PHE D 11 -4.37 -11.05 5.38
C PHE D 11 -4.69 -12.42 4.80
N HIS D 12 -5.56 -12.44 3.80
CA HIS D 12 -5.94 -13.69 3.14
C HIS D 12 -6.64 -13.40 1.81
N PRO D 13 -7.74 -12.61 1.85
CA PRO D 13 -8.50 -12.25 0.66
C PRO D 13 -8.08 -10.88 0.12
N SER D 14 -8.90 -10.30 -0.74
CA SER D 14 -8.60 -9.00 -1.31
C SER D 14 -7.23 -9.02 -2.00
N ASP D 15 -6.87 -7.91 -2.64
CA ASP D 15 -5.58 -7.82 -3.32
C ASP D 15 -4.48 -7.41 -2.36
N ILE D 16 -3.66 -8.40 -1.97
CA ILE D 16 -2.53 -8.24 -1.05
C ILE D 16 -2.31 -6.80 -0.57
N GLU D 17 -1.90 -5.92 -1.50
CA GLU D 17 -1.63 -4.50 -1.19
C GLU D 17 -0.12 -4.27 -0.99
N VAL D 18 0.57 -5.30 -0.51
CA VAL D 18 2.01 -5.19 -0.26
C VAL D 18 2.81 -6.07 -1.22
N ASP D 19 3.67 -5.44 -2.01
CA ASP D 19 4.50 -6.16 -2.96
C ASP D 19 5.78 -5.37 -3.25
N LEU D 20 6.92 -6.00 -3.01
CA LEU D 20 8.21 -5.35 -3.25
C LEU D 20 9.17 -6.28 -3.99
N LEU D 21 10.33 -5.75 -4.35
CA LEU D 21 11.36 -6.52 -5.07
C LEU D 21 11.45 -7.96 -4.57
N LYS D 22 10.96 -8.89 -5.39
CA LYS D 22 10.98 -10.30 -5.04
C LYS D 22 12.41 -10.79 -4.86
#